data_3DUH
#
_entry.id   3DUH
#
_cell.length_a   116.089
_cell.length_b   59.974
_cell.length_c   160.365
_cell.angle_alpha   90.00
_cell.angle_beta   90.46
_cell.angle_gamma   90.00
#
_symmetry.space_group_name_H-M   'C 1 2 1'
#
loop_
_entity.id
_entity.type
_entity.pdbx_description
1 polymer 'Interleukin-12 subunit beta'
2 polymer 'Interleukin-23 subunit alpha'
3 non-polymer 2-acetamido-2-deoxy-beta-D-glucopyranose
4 water water
#
loop_
_entity_poly.entity_id
_entity_poly.type
_entity_poly.pdbx_seq_one_letter_code
_entity_poly.pdbx_strand_id
1 'polypeptide(L)'
;LEIWELKKDVYVVELDWYPDAPGEMVVLTCDTPEEDGITWTLDQSSEVLGSGKTLTIQVKEFGDAGQYTCHKGGEVLSHS
LLLLHKKEDGIWSTDILKDQKEPKNKTFLRCEAKNYSGRFTCWWLTTISTDLTFSVKSSRGSSDPQGVTCGAATLSAERV
RGDNKEYEYSVECQEDSACPAAEESLPIEVMVDAVHKLKYENYTSSFFIRDIIKPDPPKNLQLKPLKNSRQVEVSWEYPD
TWSTPHSYFSLTFCVQVQGKSKREKKDRVFTDKTSATVICRKNASISVRAQDRYYSSSWSEWASVPCSHHHHHH
;
A,B
2 'polypeptide(L)'
;LRAVPGGSSPAWTQCQQLSQKLCTLAWSAHPLVGHMDLREEGDEETTNDVPHIQCGDGCDPQGLRDNSQFCLQRIHQGLI
FYEKLLGSDIFTGEPSLLPDSPVGQLHASLLGLSQLLQPEGHHWETQQIPSLSPSQPWQRLLLRFKILRSLQAFVAVAAR
VFAHGAATLSPHHHHHH
;
C,D
#
loop_
_chem_comp.id
_chem_comp.type
_chem_comp.name
_chem_comp.formula
NAG D-saccharide, beta linking 2-acetamido-2-deoxy-beta-D-glucopyranose 'C8 H15 N O6'
#
# COMPACT_ATOMS: atom_id res chain seq x y z
N GLU A 2 24.89 -13.63 2.63
CA GLU A 2 24.05 -12.69 3.44
C GLU A 2 23.34 -11.68 2.52
N ILE A 3 22.89 -12.15 1.35
CA ILE A 3 22.23 -11.29 0.36
C ILE A 3 21.04 -12.01 -0.22
N TRP A 4 19.85 -11.46 -0.05
CA TRP A 4 18.62 -12.16 -0.42
C TRP A 4 17.61 -11.25 -1.10
N GLU A 5 16.75 -11.85 -1.94
CA GLU A 5 15.71 -11.11 -2.65
C GLU A 5 14.54 -10.74 -1.74
N LEU A 6 14.25 -9.44 -1.65
CA LEU A 6 13.10 -8.96 -0.92
C LEU A 6 11.81 -9.05 -1.74
N LYS A 7 11.84 -8.49 -2.95
CA LYS A 7 10.77 -8.65 -3.95
C LYS A 7 11.44 -8.61 -5.34
N LYS A 8 10.63 -8.67 -6.40
CA LYS A 8 11.16 -8.57 -7.76
C LYS A 8 12.15 -7.41 -7.91
N ASP A 9 13.40 -7.75 -8.21
CA ASP A 9 14.47 -6.76 -8.43
C ASP A 9 14.88 -5.98 -7.20
N VAL A 10 14.54 -6.44 -6.00
CA VAL A 10 15.00 -5.75 -4.78
C VAL A 10 15.76 -6.70 -3.84
N TYR A 11 17.02 -6.36 -3.53
CA TYR A 11 17.88 -7.26 -2.81
C TYR A 11 18.39 -6.61 -1.56
N VAL A 12 18.35 -7.35 -0.47
CA VAL A 12 18.80 -6.86 0.81
C VAL A 12 20.20 -7.40 1.03
N VAL A 13 21.13 -6.51 1.33
CA VAL A 13 22.48 -6.93 1.65
C VAL A 13 22.68 -6.82 3.16
N GLU A 14 22.96 -7.97 3.79
CA GLU A 14 23.28 -7.97 5.21
C GLU A 14 24.66 -7.36 5.41
N LEU A 15 24.69 -6.26 6.16
CA LEU A 15 25.92 -5.50 6.39
C LEU A 15 26.34 -5.48 7.87
N ASP A 16 27.33 -6.30 8.21
CA ASP A 16 27.98 -6.26 9.52
C ASP A 16 28.98 -5.11 9.57
N TRP A 17 28.73 -4.13 10.45
CA TRP A 17 29.48 -2.87 10.43
C TRP A 17 30.35 -2.59 11.68
N TYR A 18 31.56 -2.08 11.42
CA TYR A 18 32.44 -1.49 12.44
C TYR A 18 33.26 -0.39 11.75
N PRO A 19 33.55 0.72 12.46
CA PRO A 19 34.10 1.98 11.88
C PRO A 19 35.14 1.82 10.76
N ASP A 20 36.01 0.81 10.87
CA ASP A 20 36.96 0.45 9.80
C ASP A 20 36.41 -0.71 8.96
N ALA A 21 35.20 -0.51 8.42
CA ALA A 21 34.52 -1.53 7.62
C ALA A 21 35.32 -1.80 6.34
N PRO A 22 35.70 -3.06 6.11
CA PRO A 22 36.42 -3.39 4.88
C PRO A 22 35.52 -3.19 3.64
N GLY A 23 34.21 -3.30 3.82
CA GLY A 23 33.25 -3.29 2.73
C GLY A 23 33.06 -4.68 2.14
N GLU A 24 31.81 -5.10 1.97
CA GLU A 24 31.52 -6.36 1.29
C GLU A 24 31.38 -6.15 -0.20
N MET A 25 31.97 -7.07 -0.95
CA MET A 25 31.91 -7.05 -2.39
C MET A 25 30.67 -7.81 -2.87
N VAL A 26 29.89 -7.14 -3.73
CA VAL A 26 28.70 -7.75 -4.35
C VAL A 26 28.92 -7.83 -5.86
N VAL A 27 28.63 -8.98 -6.45
CA VAL A 27 28.60 -9.11 -7.91
C VAL A 27 27.14 -9.14 -8.41
N LEU A 28 26.84 -8.19 -9.28
CA LEU A 28 25.51 -8.01 -9.84
C LEU A 28 25.50 -8.53 -11.24
N THR A 29 24.55 -9.41 -11.56
CA THR A 29 24.41 -9.94 -12.89
C THR A 29 23.21 -9.30 -13.55
N CYS A 30 23.40 -8.91 -14.80
CA CYS A 30 22.34 -8.37 -15.63
C CYS A 30 21.42 -9.52 -16.02
N ASP A 31 20.12 -9.24 -16.01
CA ASP A 31 19.13 -10.26 -16.31
C ASP A 31 18.86 -10.24 -17.80
N THR A 32 19.75 -10.88 -18.56
CA THR A 32 19.70 -10.83 -20.02
C THR A 32 20.34 -12.07 -20.66
N PRO A 33 19.83 -12.52 -21.83
CA PRO A 33 20.47 -13.62 -22.56
C PRO A 33 21.77 -13.24 -23.28
N GLU A 34 22.18 -11.98 -23.19
CA GLU A 34 23.36 -11.52 -23.92
C GLU A 34 24.47 -10.99 -23.05
N GLU A 35 25.66 -10.87 -23.64
CA GLU A 35 26.81 -10.35 -22.90
C GLU A 35 27.57 -9.23 -23.60
N ASP A 36 27.05 -8.79 -24.77
CA ASP A 36 27.68 -7.72 -25.55
C ASP A 36 26.95 -6.37 -25.46
N GLY A 37 27.70 -5.27 -25.49
CA GLY A 37 27.13 -3.93 -25.54
C GLY A 37 26.52 -3.42 -24.24
N ILE A 38 26.82 -4.13 -23.14
CA ILE A 38 26.21 -3.89 -21.84
C ILE A 38 27.05 -2.94 -21.01
N THR A 39 26.40 -1.89 -20.53
CA THR A 39 26.99 -0.94 -19.58
C THR A 39 26.10 -0.81 -18.33
N TRP A 40 26.68 -0.32 -17.24
CA TRP A 40 25.96 -0.12 -15.99
C TRP A 40 25.96 1.33 -15.52
N THR A 41 24.82 1.74 -14.97
CA THR A 41 24.63 3.05 -14.36
C THR A 41 23.89 2.86 -13.05
N LEU A 42 24.09 3.80 -12.13
CA LEU A 42 23.35 3.86 -10.89
C LEU A 42 22.25 4.90 -10.88
N ASP A 43 21.03 4.45 -10.61
CA ASP A 43 19.91 5.35 -10.35
C ASP A 43 19.86 6.15 -11.63
N GLN A 44 19.61 7.43 -11.47
CA GLN A 44 19.18 8.35 -12.52
C GLN A 44 20.33 9.01 -13.29
N SER A 45 21.50 8.40 -13.24
CA SER A 45 22.71 8.97 -13.85
C SER A 45 23.09 8.26 -15.15
N SER A 46 23.63 9.02 -16.11
CA SER A 46 24.11 8.43 -17.37
C SER A 46 25.54 7.94 -17.27
N GLU A 47 26.18 8.18 -16.12
CA GLU A 47 27.58 7.79 -15.88
C GLU A 47 27.76 6.28 -15.88
N VAL A 48 28.60 5.79 -16.80
CA VAL A 48 28.92 4.37 -16.92
C VAL A 48 29.87 3.94 -15.80
N LEU A 49 29.44 2.96 -15.00
CA LEU A 49 30.19 2.48 -13.84
C LEU A 49 30.93 1.19 -14.17
N GLY A 50 30.57 0.56 -15.28
CA GLY A 50 31.22 -0.67 -15.71
C GLY A 50 30.60 -1.18 -17.00
N SER A 51 31.28 -2.12 -17.62
CA SER A 51 30.85 -2.71 -18.90
C SER A 51 30.65 -4.23 -18.73
N GLY A 52 29.90 -4.85 -19.64
CA GLY A 52 29.66 -6.29 -19.57
C GLY A 52 28.49 -6.70 -18.69
N LYS A 53 28.18 -7.99 -18.75
CA LYS A 53 26.99 -8.58 -18.14
C LYS A 53 26.95 -8.59 -16.58
N THR A 54 28.11 -8.41 -15.94
CA THR A 54 28.22 -8.35 -14.47
C THR A 54 28.84 -7.06 -13.96
N LEU A 55 28.41 -6.58 -12.80
CA LEU A 55 29.05 -5.42 -12.17
C LEU A 55 29.50 -5.74 -10.75
N THR A 56 30.76 -5.43 -10.45
CA THR A 56 31.31 -5.66 -9.12
C THR A 56 31.43 -4.34 -8.36
N ILE A 57 30.71 -4.26 -7.24
CA ILE A 57 30.61 -3.04 -6.44
C ILE A 57 31.00 -3.31 -5.00
N GLN A 58 31.33 -2.25 -4.26
CA GLN A 58 31.60 -2.37 -2.84
C GLN A 58 30.51 -1.65 -2.06
N VAL A 59 30.03 -2.30 -1.00
CA VAL A 59 29.04 -1.70 -0.08
C VAL A 59 29.58 -1.54 1.35
N LYS A 60 29.52 -0.31 1.84
CA LYS A 60 30.07 0.01 3.14
C LYS A 60 29.07 0.89 3.87
N GLU A 61 28.30 1.65 3.11
CA GLU A 61 27.35 2.59 3.67
C GLU A 61 26.14 2.74 2.74
N PHE A 62 25.09 3.38 3.24
CA PHE A 62 23.79 3.43 2.56
C PHE A 62 23.84 4.05 1.16
N GLY A 63 24.81 4.94 0.95
CA GLY A 63 25.05 5.56 -0.36
C GLY A 63 25.71 4.63 -1.35
N ASP A 64 26.36 3.58 -0.86
CA ASP A 64 26.96 2.56 -1.74
C ASP A 64 25.91 1.71 -2.44
N ALA A 65 24.65 1.91 -2.08
CA ALA A 65 23.57 1.11 -2.63
C ALA A 65 22.70 1.94 -3.59
N GLY A 66 21.59 1.36 -4.01
CA GLY A 66 20.66 2.06 -4.92
C GLY A 66 20.29 1.17 -6.08
N GLN A 67 19.63 1.73 -7.08
CA GLN A 67 19.16 0.95 -8.22
C GLN A 67 20.22 0.96 -9.32
N TYR A 68 21.03 -0.11 -9.35
CA TYR A 68 21.98 -0.36 -10.43
C TYR A 68 21.26 -0.89 -11.64
N THR A 69 21.61 -0.40 -12.83
CA THR A 69 20.86 -0.71 -14.04
C THR A 69 21.79 -1.09 -15.18
N CYS A 70 21.38 -2.07 -15.99
CA CYS A 70 22.17 -2.44 -17.16
C CYS A 70 21.43 -2.09 -18.40
N HIS A 71 22.22 -1.71 -19.41
CA HIS A 71 21.73 -1.11 -20.63
C HIS A 71 22.40 -1.76 -21.82
N LYS A 72 21.64 -1.90 -22.90
CA LYS A 72 22.15 -2.30 -24.20
C LYS A 72 21.34 -1.57 -25.28
N GLY A 73 22.05 -0.90 -26.19
CA GLY A 73 21.42 -0.14 -27.29
C GLY A 73 20.40 0.87 -26.79
N GLY A 74 20.74 1.60 -25.71
CA GLY A 74 19.85 2.63 -25.17
C GLY A 74 18.74 2.12 -24.26
N GLU A 75 18.60 0.81 -24.20
CA GLU A 75 17.48 0.17 -23.54
C GLU A 75 17.89 -0.41 -22.20
N VAL A 76 17.02 -0.22 -21.21
CA VAL A 76 17.17 -0.87 -19.92
C VAL A 76 16.86 -2.36 -20.08
N LEU A 77 17.81 -3.18 -19.63
CA LEU A 77 17.70 -4.63 -19.70
C LEU A 77 17.13 -5.13 -18.38
N SER A 78 17.65 -4.61 -17.25
CA SER A 78 17.15 -4.97 -15.91
C SER A 78 17.54 -3.89 -14.89
N HIS A 79 16.74 -3.77 -13.82
CA HIS A 79 17.06 -2.92 -12.65
C HIS A 79 17.31 -3.79 -11.44
N SER A 80 18.35 -3.49 -10.66
CA SER A 80 18.57 -4.19 -9.39
C SER A 80 18.71 -3.19 -8.24
N LEU A 81 17.70 -3.07 -7.39
CA LEU A 81 17.77 -2.17 -6.24
C LEU A 81 18.37 -2.87 -5.04
N LEU A 82 19.44 -2.30 -4.48
CA LEU A 82 20.12 -2.89 -3.33
C LEU A 82 19.83 -2.09 -2.08
N LEU A 83 19.30 -2.76 -1.07
CA LEU A 83 19.05 -2.11 0.21
C LEU A 83 19.99 -2.70 1.23
N LEU A 84 20.33 -1.95 2.26
CA LEU A 84 21.23 -2.48 3.28
C LEU A 84 20.55 -2.62 4.65
N HIS A 85 20.72 -3.81 5.21
CA HIS A 85 20.29 -4.10 6.58
C HIS A 85 21.56 -4.10 7.43
N LYS A 86 21.74 -3.05 8.23
CA LYS A 86 22.94 -2.90 9.07
C LYS A 86 22.87 -3.61 10.44
N LYS A 87 23.77 -4.57 10.64
CA LYS A 87 23.95 -5.29 11.92
C LYS A 87 25.10 -4.68 12.71
N GLU A 88 24.72 -3.87 13.70
CA GLU A 88 25.65 -3.05 14.46
C GLU A 88 26.78 -3.91 15.02
N ASP A 89 26.43 -4.88 15.87
CA ASP A 89 27.41 -5.77 16.47
C ASP A 89 26.68 -7.00 16.99
N GLY A 90 26.18 -7.81 16.07
CA GLY A 90 25.35 -8.95 16.42
C GLY A 90 23.88 -8.59 16.43
N ILE A 91 23.57 -7.32 16.68
CA ILE A 91 22.20 -6.79 16.68
C ILE A 91 21.88 -5.89 15.46
N TRP A 92 20.70 -6.12 14.87
CA TRP A 92 20.21 -5.36 13.73
C TRP A 92 19.62 -4.02 14.17
N SER A 93 19.65 -3.03 13.28
CA SER A 93 19.25 -1.67 13.65
C SER A 93 17.74 -1.52 13.67
N THR A 94 17.27 -0.60 14.49
CA THR A 94 15.85 -0.26 14.58
C THR A 94 15.69 1.25 14.73
N ASP A 95 16.15 2.00 13.73
CA ASP A 95 16.05 3.46 13.75
C ASP A 95 14.70 3.94 13.26
N ILE A 96 14.08 3.17 12.36
CA ILE A 96 12.89 3.66 11.65
C ILE A 96 11.65 3.77 12.55
N LEU A 97 11.37 2.70 13.29
CA LEU A 97 10.22 2.69 14.20
C LEU A 97 10.58 3.12 15.62
N LYS A 98 9.72 3.93 16.22
CA LYS A 98 9.94 4.43 17.56
C LYS A 98 9.41 3.45 18.62
N ASP A 99 10.28 3.05 19.54
CA ASP A 99 9.90 2.13 20.59
C ASP A 99 8.70 2.74 21.30
N GLN A 100 7.68 1.91 21.55
CA GLN A 100 6.47 2.40 22.19
C GLN A 100 6.62 2.25 23.72
N LYS A 101 7.52 1.35 24.10
CA LYS A 101 7.99 1.19 25.47
C LYS A 101 6.93 0.72 26.48
N GLU A 102 5.71 0.49 25.99
CA GLU A 102 4.63 0.02 26.86
C GLU A 102 4.37 -1.45 27.21
N PRO A 103 4.14 -2.34 26.20
CA PRO A 103 3.78 -3.71 26.61
C PRO A 103 5.05 -4.25 27.28
N LYS A 104 6.15 -4.35 26.54
CA LYS A 104 7.49 -4.51 27.10
C LYS A 104 8.37 -3.39 26.51
N ASN A 105 9.68 -3.43 26.75
CA ASN A 105 10.59 -2.57 25.97
C ASN A 105 10.79 -3.29 24.64
N LYS A 106 11.41 -2.63 23.67
CA LYS A 106 11.60 -3.23 22.35
C LYS A 106 10.26 -3.65 21.74
N THR A 107 9.22 -2.82 21.96
CA THR A 107 7.88 -3.05 21.40
C THR A 107 7.57 -1.96 20.37
N PHE A 108 7.81 -2.28 19.09
CA PHE A 108 7.65 -1.32 18.00
C PHE A 108 6.27 -1.41 17.36
N LEU A 109 5.71 -2.62 17.38
CA LEU A 109 4.38 -2.89 16.78
C LEU A 109 3.36 -3.16 17.86
N ARG A 110 2.27 -2.42 17.84
CA ARG A 110 1.19 -2.70 18.76
C ARG A 110 -0.05 -3.14 18.00
N CYS A 111 -0.56 -4.32 18.37
CA CYS A 111 -1.72 -4.87 17.70
C CYS A 111 -2.88 -5.00 18.67
N GLU A 112 -4.08 -4.74 18.17
CA GLU A 112 -5.25 -4.93 18.96
C GLU A 112 -6.44 -5.42 18.10
N ALA A 113 -7.38 -6.12 18.73
CA ALA A 113 -8.57 -6.65 18.06
C ALA A 113 -9.80 -6.20 18.85
N LYS A 114 -10.89 -5.94 18.13
CA LYS A 114 -12.13 -5.44 18.73
C LYS A 114 -13.05 -6.60 19.10
N ASN A 115 -12.73 -7.79 18.61
CA ASN A 115 -13.58 -8.95 18.66
C ASN A 115 -12.78 -10.23 18.31
N TYR A 116 -13.43 -11.38 18.23
CA TYR A 116 -12.73 -12.63 17.96
C TYR A 116 -12.84 -13.09 16.52
N SER A 117 -13.28 -12.22 15.62
CA SER A 117 -13.54 -12.56 14.22
C SER A 117 -12.34 -13.02 13.43
N GLY A 118 -11.13 -12.67 13.87
CA GLY A 118 -9.96 -12.87 13.03
C GLY A 118 -9.38 -11.59 12.42
N ARG A 119 -10.11 -10.48 12.45
CA ARG A 119 -9.60 -9.16 12.09
C ARG A 119 -8.90 -8.50 13.28
N PHE A 120 -7.77 -7.89 13.00
CA PHE A 120 -7.01 -7.12 13.96
C PHE A 120 -6.35 -5.96 13.23
N THR A 121 -5.86 -4.99 14.03
CA THR A 121 -5.13 -3.82 13.53
C THR A 121 -3.79 -3.74 14.22
N CYS A 122 -2.71 -3.53 13.46
CA CYS A 122 -1.43 -3.17 14.07
C CYS A 122 -1.03 -1.74 13.70
N TRP A 123 -0.35 -1.05 14.62
CA TRP A 123 0.15 0.30 14.35
C TRP A 123 1.57 0.45 14.83
N TRP A 124 2.26 1.46 14.31
CA TRP A 124 3.65 1.75 14.67
C TRP A 124 3.94 3.24 14.52
N LEU A 125 4.99 3.69 15.19
CA LEU A 125 5.29 5.12 15.23
C LEU A 125 6.66 5.39 14.66
N THR A 126 6.78 6.54 13.99
CA THR A 126 8.05 6.96 13.42
C THR A 126 8.21 8.48 13.48
N THR A 127 9.47 8.94 13.57
CA THR A 127 9.76 10.39 13.50
C THR A 127 9.75 10.86 12.06
N ILE A 128 10.16 9.96 11.17
CA ILE A 128 10.40 10.19 9.75
C ILE A 128 9.14 10.53 8.95
N SER A 129 9.21 11.55 8.10
CA SER A 129 8.04 12.04 7.33
C SER A 129 8.05 11.70 5.84
N THR A 130 9.15 11.13 5.35
CA THR A 130 9.35 11.00 3.90
C THR A 130 10.19 9.79 3.55
N ASP A 131 10.17 9.42 2.26
CA ASP A 131 10.98 8.30 1.75
C ASP A 131 10.77 7.02 2.56
N LEU A 132 9.51 6.68 2.76
CA LEU A 132 9.10 5.65 3.69
C LEU A 132 8.13 4.68 3.04
N THR A 133 8.51 3.41 3.02
CA THR A 133 7.61 2.35 2.56
C THR A 133 7.53 1.23 3.60
N PHE A 134 6.31 0.79 3.86
CA PHE A 134 6.08 -0.30 4.81
C PHE A 134 5.39 -1.46 4.11
N SER A 135 5.91 -2.66 4.33
CA SER A 135 5.34 -3.88 3.78
C SER A 135 4.92 -4.83 4.91
N VAL A 136 3.67 -5.32 4.90
CA VAL A 136 3.14 -6.13 6.01
C VAL A 136 2.73 -7.56 5.63
N LYS A 137 3.30 -8.52 6.35
CA LYS A 137 2.95 -9.92 6.24
C LYS A 137 2.53 -10.51 7.59
N SER A 138 1.63 -11.49 7.55
CA SER A 138 1.17 -12.15 8.75
C SER A 138 0.81 -13.62 8.47
N SER A 139 0.88 -14.44 9.50
CA SER A 139 0.36 -15.81 9.44
C SER A 139 0.05 -16.34 10.83
N ARG A 140 -0.80 -17.37 10.89
CA ARG A 140 -0.92 -18.12 12.11
C ARG A 140 0.06 -19.29 12.14
N GLY A 141 0.92 -19.35 13.13
CA GLY A 141 1.95 -20.38 13.18
C GLY A 141 3.18 -20.05 12.33
N SER A 142 4.18 -20.91 12.45
CA SER A 142 5.46 -20.71 11.80
C SER A 142 5.89 -21.97 11.06
N SER A 143 5.71 -23.14 11.70
CA SER A 143 5.99 -24.47 11.08
C SER A 143 5.31 -24.65 9.72
N ASP A 144 3.99 -24.82 9.73
CA ASP A 144 3.23 -24.66 8.48
C ASP A 144 2.28 -23.48 8.67
N PRO A 145 2.73 -22.29 8.24
CA PRO A 145 1.97 -21.06 8.36
C PRO A 145 0.60 -21.22 7.74
N GLN A 146 -0.40 -20.64 8.39
CA GLN A 146 -1.76 -20.61 7.87
C GLN A 146 -2.08 -19.17 7.54
N GLY A 147 -2.87 -18.95 6.49
CA GLY A 147 -3.05 -17.63 5.90
C GLY A 147 -3.74 -16.57 6.74
N VAL A 148 -3.19 -15.35 6.63
CA VAL A 148 -3.72 -14.11 7.19
C VAL A 148 -3.48 -13.08 6.10
N THR A 149 -4.52 -12.33 5.75
CA THR A 149 -4.47 -11.33 4.70
C THR A 149 -4.44 -9.96 5.31
N CYS A 150 -3.41 -9.21 4.98
CA CYS A 150 -3.28 -7.83 5.41
C CYS A 150 -3.44 -6.88 4.24
N GLY A 151 -3.81 -5.64 4.55
CA GLY A 151 -3.96 -4.57 3.57
C GLY A 151 -2.68 -3.77 3.49
N ALA A 152 -2.77 -2.56 2.95
CA ALA A 152 -1.61 -1.68 2.89
C ALA A 152 -1.43 -0.94 4.21
N ALA A 153 -0.18 -0.71 4.59
CA ALA A 153 0.12 0.15 5.72
C ALA A 153 -0.03 1.59 5.27
N THR A 154 -0.91 2.35 5.92
CA THR A 154 -1.13 3.76 5.57
C THR A 154 -1.03 4.66 6.80
N LEU A 155 -0.56 5.89 6.57
CA LEU A 155 -0.50 6.94 7.60
C LEU A 155 -1.91 7.18 8.13
N SER A 156 -2.01 7.14 9.45
CA SER A 156 -3.30 7.05 10.13
C SER A 156 -3.53 8.27 11.03
N ALA A 157 -2.44 8.75 11.63
CA ALA A 157 -2.46 10.00 12.39
C ALA A 157 -1.05 10.55 12.61
N GLU A 158 -0.95 11.56 13.46
CA GLU A 158 0.26 12.36 13.57
C GLU A 158 0.52 12.83 15.00
N GLU A 166 4.77 13.21 15.68
CA GLU A 166 5.04 11.79 15.50
C GLU A 166 4.17 11.18 14.42
N TYR A 167 4.74 10.25 13.66
CA TYR A 167 4.00 9.62 12.56
C TYR A 167 3.49 8.20 12.87
N GLU A 168 2.19 8.04 12.68
CA GLU A 168 1.51 6.78 12.99
C GLU A 168 0.96 6.11 11.76
N TYR A 169 1.41 4.87 11.60
CA TYR A 169 0.95 3.98 10.53
C TYR A 169 0.20 2.80 11.16
N SER A 170 -0.91 2.44 10.52
CA SER A 170 -1.70 1.30 10.90
C SER A 170 -1.85 0.37 9.70
N VAL A 171 -2.15 -0.91 9.97
CA VAL A 171 -2.50 -1.90 8.94
C VAL A 171 -3.62 -2.80 9.48
N GLU A 172 -4.60 -3.11 8.63
CA GLU A 172 -5.64 -4.08 8.98
C GLU A 172 -5.38 -5.44 8.36
N CYS A 173 -5.48 -6.48 9.19
CA CYS A 173 -5.25 -7.85 8.78
C CYS A 173 -6.48 -8.73 9.09
N GLN A 174 -6.71 -9.78 8.33
CA GLN A 174 -7.78 -10.71 8.61
C GLN A 174 -7.30 -12.16 8.48
N GLU A 175 -7.45 -12.94 9.55
CA GLU A 175 -7.14 -14.38 9.48
C GLU A 175 -8.06 -15.01 8.46
N ASP A 176 -7.52 -15.80 7.55
CA ASP A 176 -8.35 -16.34 6.45
C ASP A 176 -9.34 -17.35 6.96
N SER A 177 -8.88 -18.27 7.81
CA SER A 177 -9.73 -19.30 8.39
C SER A 177 -9.96 -19.14 9.89
N ALA A 178 -10.65 -18.06 10.25
CA ALA A 178 -10.89 -17.72 11.65
C ALA A 178 -11.67 -18.80 12.38
N CYS A 179 -11.31 -19.05 13.63
CA CYS A 179 -12.16 -19.87 14.49
C CYS A 179 -12.43 -19.10 15.78
N PRO A 180 -13.37 -18.14 15.72
CA PRO A 180 -13.55 -17.19 16.84
C PRO A 180 -13.63 -17.82 18.24
N ALA A 181 -14.26 -18.98 18.38
CA ALA A 181 -14.57 -19.54 19.69
C ALA A 181 -13.51 -20.50 20.23
N ALA A 182 -12.48 -20.77 19.44
CA ALA A 182 -11.50 -21.79 19.74
C ALA A 182 -10.54 -21.28 20.81
N GLU A 183 -9.88 -22.21 21.48
CA GLU A 183 -8.75 -21.87 22.28
C GLU A 183 -7.52 -21.94 21.36
N GLU A 184 -6.93 -20.77 21.08
CA GLU A 184 -5.74 -20.65 20.22
C GLU A 184 -4.55 -21.29 20.89
N SER A 185 -3.83 -22.11 20.12
CA SER A 185 -2.60 -22.77 20.56
C SER A 185 -1.36 -22.29 19.80
N LEU A 186 -1.54 -21.83 18.56
CA LEU A 186 -0.43 -21.22 17.78
C LEU A 186 -0.64 -19.72 17.66
N PRO A 187 0.40 -18.93 17.96
CA PRO A 187 0.24 -17.49 17.83
C PRO A 187 0.22 -16.96 16.38
N ILE A 188 -0.43 -15.80 16.21
CA ILE A 188 -0.35 -15.00 15.00
C ILE A 188 1.01 -14.35 14.99
N GLU A 189 1.66 -14.40 13.83
CA GLU A 189 2.92 -13.70 13.56
C GLU A 189 2.66 -12.50 12.66
N VAL A 190 3.25 -11.36 13.03
CA VAL A 190 3.23 -10.17 12.20
C VAL A 190 4.67 -9.76 11.85
N MET A 191 4.92 -9.60 10.54
CA MET A 191 6.23 -9.21 10.02
C MET A 191 6.04 -7.93 9.21
N VAL A 192 6.70 -6.86 9.63
CA VAL A 192 6.69 -5.58 8.90
C VAL A 192 8.09 -5.29 8.34
N ASP A 193 8.16 -5.08 7.02
CA ASP A 193 9.36 -4.55 6.36
C ASP A 193 9.32 -3.03 6.36
N ALA A 194 10.43 -2.43 6.81
CA ALA A 194 10.54 -1.00 6.94
C ALA A 194 11.67 -0.47 6.05
N VAL A 195 11.31 0.32 5.06
CA VAL A 195 12.32 0.93 4.17
C VAL A 195 12.33 2.46 4.23
N HIS A 196 13.47 2.99 4.69
CA HIS A 196 13.75 4.43 4.61
C HIS A 196 14.94 4.64 3.65
N LYS A 197 14.63 5.28 2.54
CA LYS A 197 15.54 5.41 1.38
C LYS A 197 16.18 4.05 1.11
N LEU A 198 17.44 3.87 1.49
CA LEU A 198 18.20 2.66 1.20
C LEU A 198 18.48 1.81 2.45
N LYS A 199 17.91 2.22 3.58
CA LYS A 199 18.00 1.54 4.86
C LYS A 199 16.82 0.56 5.00
N TYR A 200 17.13 -0.72 5.09
CA TYR A 200 16.13 -1.78 5.29
C TYR A 200 16.16 -2.25 6.75
N GLU A 201 14.97 -2.41 7.36
CA GLU A 201 14.83 -2.93 8.73
C GLU A 201 13.66 -3.91 8.88
N ASN A 202 13.84 -4.86 9.80
CA ASN A 202 12.82 -5.86 10.17
C ASN A 202 12.10 -5.58 11.49
N TYR A 203 10.79 -5.77 11.48
CA TYR A 203 10.02 -5.74 12.72
C TYR A 203 9.08 -6.93 12.83
N THR A 204 8.98 -7.47 14.04
CA THR A 204 8.21 -8.68 14.25
C THR A 204 7.33 -8.57 15.50
N SER A 205 6.19 -9.24 15.47
CA SER A 205 5.23 -9.28 16.58
C SER A 205 4.55 -10.65 16.62
N SER A 206 4.41 -11.21 17.81
CA SER A 206 3.82 -12.54 18.01
C SER A 206 2.75 -12.43 19.10
N PHE A 207 1.58 -13.05 18.90
CA PHE A 207 0.52 -12.96 19.92
C PHE A 207 -0.64 -13.90 19.62
N PHE A 208 -1.44 -14.12 20.68
CA PHE A 208 -2.78 -14.70 20.53
C PHE A 208 -3.78 -13.54 20.43
N ILE A 209 -4.76 -13.67 19.54
CA ILE A 209 -5.85 -12.73 19.46
C ILE A 209 -6.48 -12.48 20.85
N ARG A 210 -6.71 -13.56 21.62
CA ARG A 210 -7.31 -13.41 22.95
C ARG A 210 -6.58 -12.38 23.82
N ASP A 211 -5.28 -12.21 23.58
CA ASP A 211 -4.45 -11.30 24.39
C ASP A 211 -4.40 -9.85 23.89
N ILE A 212 -4.85 -9.62 22.66
CA ILE A 212 -4.82 -8.28 22.10
C ILE A 212 -6.24 -7.74 21.98
N ILE A 213 -7.18 -8.45 22.57
CA ILE A 213 -8.56 -8.02 22.60
C ILE A 213 -8.69 -6.71 23.43
N LYS A 214 -9.36 -5.73 22.81
CA LYS A 214 -9.74 -4.49 23.46
C LYS A 214 -11.09 -4.16 22.88
N PRO A 215 -12.17 -4.34 23.65
CA PRO A 215 -13.41 -4.03 22.97
C PRO A 215 -13.57 -2.49 22.77
N ASP A 216 -14.50 -2.11 21.92
CA ASP A 216 -14.94 -0.74 21.88
C ASP A 216 -15.71 -0.38 23.18
N PRO A 217 -15.83 0.94 23.49
CA PRO A 217 -16.56 1.37 24.69
C PRO A 217 -18.02 0.96 24.66
N PRO A 218 -18.64 0.81 25.86
CA PRO A 218 -20.10 0.60 25.94
C PRO A 218 -20.85 1.66 25.12
N LYS A 219 -21.91 1.27 24.44
CA LYS A 219 -22.66 2.21 23.62
C LYS A 219 -23.97 2.64 24.28
N ASN A 220 -24.49 3.80 23.82
CA ASN A 220 -25.81 4.30 24.23
C ASN A 220 -25.91 4.37 25.76
N LEU A 221 -24.86 4.93 26.34
CA LEU A 221 -24.78 5.18 27.77
C LEU A 221 -25.76 6.28 28.17
N GLN A 222 -26.66 5.94 29.08
CA GLN A 222 -27.70 6.87 29.46
C GLN A 222 -28.15 6.78 30.91
N LEU A 223 -28.55 7.93 31.44
CA LEU A 223 -28.90 8.13 32.84
C LEU A 223 -30.41 8.27 33.03
N LYS A 224 -30.91 7.78 34.16
CA LYS A 224 -32.33 7.83 34.47
C LYS A 224 -32.54 8.12 35.95
N PRO A 225 -32.82 9.40 36.29
CA PRO A 225 -32.90 9.84 37.69
C PRO A 225 -34.10 9.26 38.43
N LEU A 226 -33.90 8.91 39.69
CA LEU A 226 -34.96 8.43 40.56
C LEU A 226 -35.79 9.62 41.05
N LYS A 227 -37.08 9.37 41.29
CA LYS A 227 -37.98 10.42 41.81
C LYS A 227 -37.61 10.88 43.23
N ASN A 228 -37.32 12.18 43.33
CA ASN A 228 -36.95 12.85 44.59
C ASN A 228 -35.93 12.05 45.43
N SER A 229 -34.85 11.65 44.75
CA SER A 229 -33.69 10.99 45.34
C SER A 229 -32.49 11.50 44.55
N ARG A 230 -31.29 11.17 44.99
CA ARG A 230 -30.07 11.56 44.25
C ARG A 230 -29.62 10.43 43.30
N GLN A 231 -30.25 9.27 43.43
CA GLN A 231 -29.79 8.07 42.73
C GLN A 231 -30.18 8.04 41.27
N VAL A 232 -29.25 7.56 40.46
CA VAL A 232 -29.48 7.44 39.02
C VAL A 232 -29.27 5.99 38.55
N GLU A 233 -30.18 5.52 37.72
CA GLU A 233 -29.99 4.25 37.03
C GLU A 233 -29.19 4.51 35.76
N VAL A 234 -27.95 3.99 35.75
CA VAL A 234 -27.07 3.96 34.59
C VAL A 234 -27.41 2.74 33.72
N SER A 235 -27.60 2.94 32.43
CA SER A 235 -27.81 1.83 31.51
C SER A 235 -26.95 2.00 30.25
N TRP A 236 -26.70 0.90 29.55
CA TRP A 236 -25.83 0.89 28.39
C TRP A 236 -26.00 -0.41 27.57
N GLU A 237 -25.28 -0.50 26.45
CA GLU A 237 -25.40 -1.65 25.58
C GLU A 237 -24.02 -2.12 25.17
N TYR A 238 -23.92 -3.36 24.68
CA TYR A 238 -22.66 -3.86 24.11
C TYR A 238 -22.32 -3.06 22.84
N PRO A 239 -21.03 -2.78 22.61
CA PRO A 239 -20.68 -2.16 21.33
C PRO A 239 -21.03 -3.07 20.14
N ASP A 240 -21.30 -2.47 18.99
CA ASP A 240 -21.66 -3.23 17.81
C ASP A 240 -20.50 -4.03 17.23
N THR A 241 -19.26 -3.63 17.49
CA THR A 241 -18.09 -4.35 16.97
C THR A 241 -17.79 -5.66 17.72
N TRP A 242 -18.39 -5.83 18.90
CA TRP A 242 -18.17 -6.98 19.77
C TRP A 242 -18.74 -8.25 19.17
N SER A 243 -18.06 -9.37 19.44
CA SER A 243 -18.50 -10.68 18.97
C SER A 243 -19.92 -11.05 19.46
N THR A 244 -20.71 -11.61 18.55
CA THR A 244 -22.01 -12.15 18.87
C THR A 244 -21.99 -13.67 18.63
N PRO A 245 -22.89 -14.43 19.32
CA PRO A 245 -23.84 -13.96 20.33
C PRO A 245 -23.20 -13.57 21.65
N HIS A 246 -23.74 -12.51 22.24
CA HIS A 246 -23.33 -12.03 23.56
C HIS A 246 -23.55 -13.06 24.68
N SER A 247 -24.56 -13.91 24.54
CA SER A 247 -24.77 -15.01 25.49
C SER A 247 -23.52 -15.88 25.66
N TYR A 248 -22.67 -15.88 24.62
CA TYR A 248 -21.44 -16.67 24.55
C TYR A 248 -20.24 -15.77 24.77
N PHE A 249 -20.07 -14.75 23.93
CA PHE A 249 -18.98 -13.83 24.15
C PHE A 249 -19.38 -12.70 25.12
N SER A 250 -19.50 -13.05 26.40
CA SER A 250 -19.85 -12.13 27.47
C SER A 250 -18.82 -11.02 27.73
N LEU A 251 -19.32 -9.88 28.17
CA LEU A 251 -18.49 -8.77 28.61
C LEU A 251 -18.77 -8.48 30.07
N THR A 252 -17.84 -7.76 30.69
CA THR A 252 -18.01 -7.31 32.05
C THR A 252 -17.68 -5.80 32.10
N PHE A 253 -18.20 -5.10 33.09
CA PHE A 253 -18.12 -3.65 33.11
C PHE A 253 -17.56 -3.03 34.38
N CYS A 254 -17.00 -1.83 34.22
CA CYS A 254 -16.58 -1.01 35.33
C CYS A 254 -17.27 0.34 35.23
N VAL A 255 -18.09 0.63 36.24
CA VAL A 255 -18.79 1.89 36.34
C VAL A 255 -18.08 2.78 37.36
N GLN A 256 -17.71 3.99 36.92
CA GLN A 256 -17.05 4.95 37.76
C GLN A 256 -17.85 6.27 37.86
N VAL A 257 -17.94 6.80 39.09
CA VAL A 257 -18.50 8.12 39.34
C VAL A 257 -17.36 8.99 39.90
N GLN A 258 -17.02 10.06 39.18
CA GLN A 258 -15.95 10.97 39.64
C GLN A 258 -16.16 12.46 39.39
N GLY A 259 -15.61 13.27 40.31
CA GLY A 259 -15.64 14.72 40.22
C GLY A 259 -14.52 15.27 39.34
N LYS A 260 -14.50 16.59 39.16
CA LYS A 260 -13.42 17.23 38.42
C LYS A 260 -12.19 17.43 39.32
N SER A 261 -12.43 17.67 40.61
CA SER A 261 -11.38 17.94 41.59
C SER A 261 -10.56 16.69 41.97
N LYS A 262 -9.59 16.89 42.88
CA LYS A 262 -8.71 15.82 43.36
C LYS A 262 -9.30 15.06 44.54
N ARG A 263 -9.62 15.80 45.60
CA ARG A 263 -10.10 15.22 46.85
C ARG A 263 -11.60 14.86 46.89
N GLU A 264 -12.27 14.92 45.75
CA GLU A 264 -13.68 14.59 45.74
C GLU A 264 -13.89 13.08 45.71
N LYS A 265 -15.10 12.70 46.13
CA LYS A 265 -15.46 11.31 46.25
C LYS A 265 -15.38 10.56 44.95
N LYS A 266 -15.16 9.28 45.07
CA LYS A 266 -15.04 8.43 43.93
C LYS A 266 -15.77 7.14 44.24
N ASP A 267 -16.32 6.55 43.21
CA ASP A 267 -17.22 5.47 43.33
C ASP A 267 -16.93 4.58 42.16
N ARG A 268 -16.69 3.31 42.41
CA ARG A 268 -16.27 2.43 41.37
C ARG A 268 -16.84 1.04 41.57
N VAL A 269 -17.59 0.57 40.60
CA VAL A 269 -18.38 -0.63 40.78
C VAL A 269 -18.13 -1.62 39.62
N PHE A 270 -18.08 -2.92 39.93
CA PHE A 270 -17.92 -3.95 38.90
C PHE A 270 -19.19 -4.75 38.75
N THR A 271 -19.58 -5.05 37.51
CA THR A 271 -20.86 -5.69 37.26
C THR A 271 -20.86 -6.34 35.88
N ASP A 272 -21.51 -7.51 35.76
CA ASP A 272 -21.68 -8.21 34.51
C ASP A 272 -22.99 -7.76 33.85
N LYS A 273 -23.80 -7.00 34.55
CA LYS A 273 -25.06 -6.47 34.01
C LYS A 273 -24.77 -5.26 33.12
N THR A 274 -25.74 -4.86 32.32
CA THR A 274 -25.65 -3.63 31.54
C THR A 274 -26.48 -2.52 32.20
N SER A 275 -26.53 -2.55 33.52
CA SER A 275 -27.12 -1.46 34.30
C SER A 275 -26.51 -1.42 35.70
N ALA A 276 -26.67 -0.26 36.35
CA ALA A 276 -26.15 -0.01 37.70
C ALA A 276 -26.91 1.20 38.23
N THR A 277 -27.10 1.27 39.55
CA THR A 277 -27.64 2.47 40.20
C THR A 277 -26.52 3.18 40.97
N VAL A 278 -26.26 4.42 40.61
CA VAL A 278 -25.24 5.19 41.29
C VAL A 278 -25.85 6.47 41.90
N ILE A 279 -25.11 7.10 42.81
CA ILE A 279 -25.49 8.39 43.36
C ILE A 279 -24.77 9.49 42.59
N CYS A 280 -25.55 10.36 41.96
CA CYS A 280 -25.00 11.53 41.26
C CYS A 280 -24.79 12.74 42.17
N ARG A 281 -23.99 13.68 41.71
CA ARG A 281 -23.71 14.95 42.42
C ARG A 281 -23.19 15.95 41.39
N LYS A 282 -23.46 17.22 41.61
CA LYS A 282 -23.07 18.27 40.66
C LYS A 282 -21.62 18.12 40.21
N ASN A 283 -21.37 18.32 38.93
CA ASN A 283 -20.00 18.22 38.39
C ASN A 283 -19.33 16.85 38.54
N ALA A 284 -20.15 15.80 38.64
CA ALA A 284 -19.61 14.45 38.54
C ALA A 284 -20.03 13.85 37.21
N SER A 285 -19.17 13.00 36.67
CA SER A 285 -19.53 12.27 35.47
C SER A 285 -19.58 10.78 35.78
N ILE A 286 -20.44 10.07 35.05
CA ILE A 286 -20.49 8.62 35.15
C ILE A 286 -19.76 7.99 33.94
N SER A 287 -18.66 7.29 34.25
CA SER A 287 -17.91 6.53 33.24
C SER A 287 -18.20 5.04 33.34
N VAL A 288 -18.29 4.39 32.18
CA VAL A 288 -18.48 2.95 32.05
C VAL A 288 -17.47 2.40 31.02
N ARG A 289 -16.65 1.42 31.43
CA ARG A 289 -15.85 0.66 30.44
C ARG A 289 -16.07 -0.86 30.47
N ALA A 290 -15.52 -1.53 29.44
CA ALA A 290 -15.79 -2.95 29.18
C ALA A 290 -14.55 -3.80 29.03
N GLN A 291 -14.68 -5.07 29.40
CA GLN A 291 -13.64 -6.05 29.23
C GLN A 291 -14.27 -7.44 29.03
N ASP A 292 -13.70 -8.26 28.15
CA ASP A 292 -14.09 -9.67 28.08
C ASP A 292 -14.35 -10.26 29.48
N ARG A 293 -15.47 -10.96 29.62
CA ARG A 293 -15.84 -11.46 30.96
C ARG A 293 -14.87 -12.48 31.53
N TYR A 294 -14.39 -13.40 30.69
CA TYR A 294 -13.74 -14.63 31.18
C TYR A 294 -12.22 -14.61 31.09
N TYR A 295 -11.70 -13.59 30.43
CA TYR A 295 -10.29 -13.53 30.15
C TYR A 295 -9.80 -12.10 30.30
N SER A 296 -8.68 -11.96 30.98
CA SER A 296 -8.27 -10.66 31.44
C SER A 296 -7.50 -9.90 30.36
N SER A 297 -8.17 -9.59 29.26
CA SER A 297 -7.57 -8.77 28.21
C SER A 297 -7.77 -7.29 28.59
N SER A 298 -7.64 -6.38 27.62
CA SER A 298 -7.62 -4.95 27.87
C SER A 298 -9.02 -4.38 28.05
N TRP A 299 -9.17 -3.45 28.98
CA TRP A 299 -10.40 -2.67 29.11
C TRP A 299 -10.61 -1.70 27.92
N SER A 300 -11.86 -1.52 27.50
CA SER A 300 -12.19 -0.51 26.53
C SER A 300 -11.80 0.85 27.09
N GLU A 301 -11.78 1.84 26.20
CA GLU A 301 -11.80 3.23 26.61
C GLU A 301 -13.10 3.46 27.38
N TRP A 302 -13.07 4.42 28.29
CA TRP A 302 -14.29 4.88 28.95
C TRP A 302 -15.35 5.45 28.01
N ALA A 303 -16.60 5.07 28.21
CA ALA A 303 -17.71 5.88 27.72
C ALA A 303 -18.19 6.65 28.96
N SER A 304 -18.52 7.93 28.80
CA SER A 304 -18.96 8.73 29.93
C SER A 304 -20.01 9.77 29.61
N VAL A 305 -20.72 10.16 30.65
CA VAL A 305 -21.89 11.01 30.54
C VAL A 305 -21.97 11.82 31.86
N PRO A 306 -22.14 13.16 31.75
CA PRO A 306 -22.20 13.97 32.96
C PRO A 306 -23.48 13.68 33.73
N CYS A 307 -23.40 13.71 35.06
CA CYS A 307 -24.59 13.60 35.89
C CYS A 307 -25.78 14.49 35.42
N SER A 308 -25.50 15.58 34.69
CA SER A 308 -26.53 16.35 33.95
C SER A 308 -27.13 15.49 32.81
N LEU B 1 -23.40 -6.85 -18.61
CA LEU B 1 -23.27 -6.79 -17.12
C LEU B 1 -22.64 -8.07 -16.58
N GLU B 2 -21.62 -7.91 -15.74
CA GLU B 2 -20.88 -9.09 -15.26
C GLU B 2 -20.27 -8.97 -13.87
N ILE B 3 -19.76 -10.10 -13.41
CA ILE B 3 -19.10 -10.20 -12.13
C ILE B 3 -17.72 -10.75 -12.42
N TRP B 4 -16.70 -9.99 -12.03
CA TRP B 4 -15.31 -10.41 -12.23
C TRP B 4 -14.49 -10.28 -10.95
N GLU B 5 -13.39 -11.03 -10.88
CA GLU B 5 -12.50 -11.04 -9.72
C GLU B 5 -11.46 -9.90 -9.72
N LEU B 6 -11.59 -8.97 -8.79
CA LEU B 6 -10.63 -7.88 -8.66
C LEU B 6 -9.28 -8.35 -8.06
N LYS B 7 -9.36 -9.29 -7.13
CA LYS B 7 -8.21 -9.90 -6.47
C LYS B 7 -8.76 -11.07 -5.66
N LYS B 8 -7.88 -11.81 -4.97
CA LYS B 8 -8.29 -12.95 -4.17
C LYS B 8 -9.46 -12.64 -3.24
N ASP B 9 -10.58 -13.31 -3.49
CA ASP B 9 -11.77 -13.22 -2.63
C ASP B 9 -12.51 -11.88 -2.72
N VAL B 10 -12.20 -11.06 -3.74
CA VAL B 10 -12.90 -9.78 -3.99
C VAL B 10 -13.48 -9.74 -5.41
N TYR B 11 -14.79 -9.52 -5.53
CA TYR B 11 -15.51 -9.61 -6.82
C TYR B 11 -16.31 -8.37 -7.10
N VAL B 12 -16.19 -7.88 -8.31
CA VAL B 12 -16.86 -6.64 -8.69
C VAL B 12 -18.15 -6.99 -9.40
N VAL B 13 -19.26 -6.59 -8.79
CA VAL B 13 -20.59 -6.81 -9.35
C VAL B 13 -20.97 -5.56 -10.13
N GLU B 14 -21.10 -5.68 -11.44
CA GLU B 14 -21.49 -4.52 -12.23
C GLU B 14 -22.99 -4.31 -12.06
N LEU B 15 -23.41 -3.07 -11.76
CA LEU B 15 -24.82 -2.75 -11.57
C LEU B 15 -25.36 -1.59 -12.44
N ASP B 16 -26.23 -1.94 -13.37
CA ASP B 16 -26.94 -0.99 -14.20
C ASP B 16 -28.08 -0.33 -13.41
N TRP B 17 -27.80 0.78 -12.75
CA TRP B 17 -28.77 1.41 -11.85
C TRP B 17 -29.76 2.38 -12.53
N TYR B 18 -31.04 2.02 -12.44
CA TYR B 18 -32.14 2.94 -12.69
C TYR B 18 -33.06 2.93 -11.45
N PRO B 19 -33.82 4.02 -11.21
CA PRO B 19 -34.54 4.11 -9.92
C PRO B 19 -35.61 3.04 -9.75
N ASP B 20 -36.35 2.75 -10.82
CA ASP B 20 -37.19 1.56 -10.88
C ASP B 20 -36.31 0.38 -11.21
N ALA B 21 -35.73 -0.30 -10.23
CA ALA B 21 -34.87 -1.43 -10.59
C ALA B 21 -34.93 -2.57 -9.60
N PRO B 22 -35.25 -3.77 -10.10
CA PRO B 22 -35.03 -4.95 -9.28
C PRO B 22 -33.53 -5.18 -9.26
N GLY B 23 -33.03 -5.89 -8.26
CA GLY B 23 -31.60 -6.16 -8.27
C GLY B 23 -31.17 -7.19 -9.30
N GLU B 24 -29.89 -7.56 -9.22
CA GLU B 24 -29.38 -8.71 -9.94
C GLU B 24 -29.16 -9.82 -8.93
N MET B 25 -29.55 -11.04 -9.28
CA MET B 25 -29.22 -12.19 -8.44
C MET B 25 -27.74 -12.46 -8.59
N VAL B 26 -27.10 -12.78 -7.47
CA VAL B 26 -25.72 -13.25 -7.50
C VAL B 26 -25.71 -14.56 -6.74
N VAL B 27 -25.15 -15.59 -7.38
CA VAL B 27 -24.91 -16.88 -6.76
C VAL B 27 -23.48 -16.96 -6.26
N LEU B 28 -23.32 -17.22 -4.98
CA LEU B 28 -22.01 -17.32 -4.40
C LEU B 28 -21.80 -18.76 -4.01
N THR B 29 -20.59 -19.26 -4.24
CA THR B 29 -20.19 -20.60 -3.89
C THR B 29 -19.07 -20.53 -2.87
N CYS B 30 -19.22 -21.34 -1.83
CA CYS B 30 -18.23 -21.49 -0.78
C CYS B 30 -17.02 -22.23 -1.33
N ASP B 31 -15.83 -21.73 -0.97
CA ASP B 31 -14.58 -22.34 -1.43
C ASP B 31 -14.22 -23.51 -0.52
N THR B 32 -14.95 -24.60 -0.69
CA THR B 32 -14.79 -25.77 0.16
C THR B 32 -15.14 -27.05 -0.62
N PRO B 33 -14.45 -28.16 -0.32
CA PRO B 33 -14.88 -29.47 -0.83
C PRO B 33 -16.16 -30.00 -0.20
N GLU B 34 -16.54 -29.47 0.97
CA GLU B 34 -17.73 -29.98 1.67
C GLU B 34 -19.08 -29.52 1.14
N GLU B 35 -20.14 -30.21 1.56
CA GLU B 35 -21.49 -29.79 1.24
C GLU B 35 -22.40 -29.72 2.48
N ASP B 36 -22.00 -30.42 3.54
CA ASP B 36 -22.80 -30.47 4.77
C ASP B 36 -22.27 -29.57 5.89
N GLY B 37 -23.20 -28.91 6.57
CA GLY B 37 -22.88 -28.20 7.81
C GLY B 37 -22.47 -26.76 7.59
N ILE B 38 -22.80 -26.22 6.41
CA ILE B 38 -22.38 -24.89 6.00
C ILE B 38 -23.49 -23.86 6.17
N THR B 39 -23.12 -22.74 6.79
CA THR B 39 -23.98 -21.57 7.02
C THR B 39 -23.26 -20.33 6.44
N TRP B 40 -24.04 -19.33 6.06
CA TRP B 40 -23.56 -18.06 5.54
C TRP B 40 -23.94 -16.89 6.44
N THR B 41 -22.98 -15.99 6.61
CA THR B 41 -23.14 -14.73 7.35
C THR B 41 -22.56 -13.59 6.52
N LEU B 42 -22.97 -12.38 6.81
CA LEU B 42 -22.32 -11.22 6.24
C LEU B 42 -21.23 -10.75 7.18
N ASP B 43 -20.45 -9.76 6.76
CA ASP B 43 -19.24 -9.31 7.48
C ASP B 43 -19.47 -9.03 8.96
N GLN B 44 -18.77 -9.74 9.85
CA GLN B 44 -18.79 -9.40 11.30
C GLN B 44 -20.20 -9.53 11.92
N SER B 45 -20.85 -10.62 11.62
CA SER B 45 -22.21 -10.87 12.07
C SER B 45 -22.31 -12.36 12.32
N SER B 46 -23.18 -12.77 13.24
CA SER B 46 -23.36 -14.20 13.49
C SER B 46 -24.72 -14.64 13.01
N GLU B 47 -25.46 -13.73 12.38
CA GLU B 47 -26.76 -14.04 11.84
C GLU B 47 -26.72 -14.86 10.54
N VAL B 48 -27.38 -16.02 10.55
CA VAL B 48 -27.33 -16.95 9.42
C VAL B 48 -28.23 -16.52 8.27
N LEU B 49 -27.61 -16.24 7.13
CA LEU B 49 -28.32 -15.86 5.92
C LEU B 49 -28.71 -17.07 5.08
N GLY B 50 -28.11 -18.22 5.35
CA GLY B 50 -28.36 -19.41 4.53
C GLY B 50 -27.53 -20.62 4.91
N SER B 51 -27.96 -21.77 4.40
CA SER B 51 -27.29 -23.05 4.58
C SER B 51 -26.80 -23.57 3.26
N GLY B 52 -25.94 -24.58 3.28
CA GLY B 52 -25.46 -25.18 2.05
C GLY B 52 -24.37 -24.37 1.37
N LYS B 53 -23.75 -25.01 0.38
CA LYS B 53 -22.55 -24.54 -0.31
C LYS B 53 -22.76 -23.26 -1.12
N THR B 54 -24.00 -23.01 -1.54
CA THR B 54 -24.29 -21.82 -2.32
C THR B 54 -25.25 -20.90 -1.57
N LEU B 55 -25.04 -19.60 -1.71
CA LEU B 55 -25.96 -18.60 -1.19
C LEU B 55 -26.31 -17.73 -2.35
N THR B 56 -27.61 -17.55 -2.58
CA THR B 56 -28.12 -16.74 -3.68
C THR B 56 -28.66 -15.42 -3.15
N ILE B 57 -28.02 -14.31 -3.52
CA ILE B 57 -28.37 -12.99 -2.98
C ILE B 57 -28.83 -12.01 -4.07
N GLN B 58 -29.75 -11.14 -3.71
CA GLN B 58 -30.25 -10.12 -4.61
C GLN B 58 -29.53 -8.82 -4.30
N VAL B 59 -28.96 -8.20 -5.32
CA VAL B 59 -28.13 -7.03 -5.11
C VAL B 59 -28.68 -5.86 -5.92
N LYS B 60 -29.05 -4.79 -5.24
CA LYS B 60 -29.39 -3.53 -5.91
C LYS B 60 -28.77 -2.31 -5.23
N GLU B 61 -28.31 -2.48 -4.00
CA GLU B 61 -27.74 -1.37 -3.26
C GLU B 61 -26.48 -1.77 -2.52
N PHE B 62 -25.73 -0.77 -2.11
CA PHE B 62 -24.47 -0.95 -1.41
C PHE B 62 -24.68 -1.78 -0.16
N GLY B 63 -25.84 -1.65 0.45
CA GLY B 63 -26.22 -2.46 1.59
C GLY B 63 -26.31 -3.94 1.31
N ASP B 64 -26.31 -4.31 0.01
CA ASP B 64 -26.37 -5.74 -0.39
C ASP B 64 -24.98 -6.30 -0.60
N ALA B 65 -24.00 -5.41 -0.71
CA ALA B 65 -22.62 -5.81 -0.94
C ALA B 65 -21.99 -6.18 0.40
N GLY B 66 -20.71 -6.49 0.41
CA GLY B 66 -20.01 -6.80 1.67
C GLY B 66 -19.36 -8.15 1.58
N GLN B 67 -18.70 -8.54 2.67
CA GLN B 67 -17.93 -9.76 2.75
C GLN B 67 -18.82 -10.91 3.24
N TYR B 68 -19.27 -11.73 2.30
CA TYR B 68 -20.07 -12.92 2.63
C TYR B 68 -19.14 -14.05 3.07
N THR B 69 -19.45 -14.66 4.20
CA THR B 69 -18.57 -15.67 4.78
C THR B 69 -19.32 -16.98 4.95
N CYS B 70 -18.68 -18.09 4.60
CA CYS B 70 -19.22 -19.41 4.92
C CYS B 70 -18.43 -20.09 6.01
N HIS B 71 -19.15 -20.90 6.78
CA HIS B 71 -18.62 -21.50 7.98
C HIS B 71 -18.94 -22.99 8.02
N LYS B 72 -18.13 -23.74 8.75
CA LYS B 72 -18.47 -25.10 9.14
C LYS B 72 -17.76 -25.41 10.43
N GLY B 73 -18.53 -25.92 11.40
CA GLY B 73 -17.99 -26.32 12.69
C GLY B 73 -17.29 -25.19 13.44
N GLY B 74 -17.78 -23.95 13.24
CA GLY B 74 -17.21 -22.77 13.89
C GLY B 74 -16.09 -22.08 13.11
N GLU B 75 -15.70 -22.66 11.97
CA GLU B 75 -14.54 -22.18 11.25
C GLU B 75 -14.95 -21.53 9.96
N VAL B 76 -14.32 -20.40 9.65
CA VAL B 76 -14.54 -19.75 8.35
C VAL B 76 -13.92 -20.64 7.27
N LEU B 77 -14.73 -20.95 6.25
CA LEU B 77 -14.28 -21.75 5.15
C LEU B 77 -13.76 -20.81 4.09
N SER B 78 -14.53 -19.78 3.71
CA SER B 78 -14.03 -18.76 2.76
C SER B 78 -14.71 -17.41 2.96
N HIS B 79 -14.04 -16.36 2.49
CA HIS B 79 -14.59 -14.99 2.45
C HIS B 79 -14.83 -14.52 1.01
N SER B 80 -16.00 -13.98 0.73
CA SER B 80 -16.26 -13.45 -0.59
C SER B 80 -16.72 -11.99 -0.49
N LEU B 81 -15.82 -11.04 -0.75
CA LEU B 81 -16.17 -9.63 -0.71
C LEU B 81 -16.79 -9.14 -2.02
N LEU B 82 -18.02 -8.63 -1.95
CA LEU B 82 -18.67 -8.06 -3.14
C LEU B 82 -18.63 -6.55 -3.10
N LEU B 83 -18.04 -5.97 -4.14
CA LEU B 83 -17.96 -4.53 -4.35
C LEU B 83 -18.90 -4.21 -5.50
N LEU B 84 -19.49 -3.02 -5.47
CA LEU B 84 -20.42 -2.62 -6.53
C LEU B 84 -19.87 -1.55 -7.48
N HIS B 85 -19.93 -1.87 -8.76
CA HIS B 85 -19.61 -0.87 -9.78
C HIS B 85 -20.90 -0.35 -10.44
N LYS B 86 -21.30 0.86 -10.05
CA LYS B 86 -22.57 1.50 -10.48
C LYS B 86 -22.49 2.13 -11.87
N LYS B 87 -23.55 1.97 -12.64
CA LYS B 87 -23.63 2.52 -14.00
C LYS B 87 -25.02 3.08 -14.25
N GLU B 88 -25.07 4.31 -14.80
CA GLU B 88 -26.33 4.95 -15.19
C GLU B 88 -26.31 5.36 -16.68
N ASP B 89 -27.12 4.69 -17.50
CA ASP B 89 -27.24 4.99 -18.94
C ASP B 89 -25.87 4.93 -19.62
N GLY B 90 -25.14 3.84 -19.40
CA GLY B 90 -23.82 3.66 -20.01
C GLY B 90 -22.66 4.30 -19.27
N ILE B 91 -22.92 5.37 -18.52
CA ILE B 91 -21.84 6.05 -17.78
C ILE B 91 -21.59 5.45 -16.37
N TRP B 92 -20.43 4.81 -16.23
CA TRP B 92 -19.94 4.33 -14.95
C TRP B 92 -19.74 5.52 -14.03
N SER B 93 -19.99 5.30 -12.75
CA SER B 93 -19.90 6.36 -11.77
C SER B 93 -18.45 6.77 -11.60
N THR B 94 -18.26 8.00 -11.12
CA THR B 94 -16.95 8.59 -10.94
C THR B 94 -17.09 9.60 -9.79
N ASP B 95 -17.57 9.11 -8.64
CA ASP B 95 -17.81 9.96 -7.47
C ASP B 95 -16.59 10.10 -6.56
N ILE B 96 -15.71 9.09 -6.57
CA ILE B 96 -14.60 9.03 -5.61
C ILE B 96 -13.53 10.11 -5.88
N LEU B 97 -13.17 10.30 -7.15
CA LEU B 97 -12.15 11.30 -7.51
C LEU B 97 -12.75 12.62 -7.99
N LYS B 98 -12.14 13.73 -7.59
CA LYS B 98 -12.61 15.06 -7.97
C LYS B 98 -11.91 15.54 -9.24
N ASP B 99 -12.50 15.26 -10.40
CA ASP B 99 -11.94 15.66 -11.67
C ASP B 99 -11.30 17.05 -11.58
N GLN B 100 -10.12 17.20 -12.16
CA GLN B 100 -9.41 18.46 -12.15
C GLN B 100 -9.96 19.57 -13.04
N LYS B 101 -10.16 19.25 -14.32
CA LYS B 101 -10.69 20.21 -15.28
C LYS B 101 -9.60 21.14 -15.79
N GLU B 102 -8.37 20.91 -15.33
CA GLU B 102 -7.23 21.73 -15.74
C GLU B 102 -6.86 21.46 -17.20
N PRO B 103 -6.39 20.25 -17.47
CA PRO B 103 -5.98 19.85 -18.81
C PRO B 103 -7.19 19.68 -19.74
N LYS B 104 -8.14 18.85 -19.33
CA LYS B 104 -9.34 18.61 -20.13
C LYS B 104 -10.38 17.97 -19.21
N ASN B 105 -11.64 18.33 -19.40
CA ASN B 105 -12.73 17.78 -18.59
C ASN B 105 -12.56 16.26 -18.52
N LYS B 106 -13.08 15.67 -17.46
CA LYS B 106 -12.99 14.22 -17.26
C LYS B 106 -11.54 13.77 -17.08
N THR B 107 -10.75 14.64 -16.48
CA THR B 107 -9.38 14.31 -16.20
C THR B 107 -9.19 14.14 -14.72
N PHE B 108 -9.40 12.91 -14.26
CA PHE B 108 -9.27 12.57 -12.85
C PHE B 108 -7.85 12.28 -12.38
N LEU B 109 -6.98 11.87 -13.30
CA LEU B 109 -5.59 11.53 -12.99
C LEU B 109 -4.64 12.48 -13.72
N ARG B 110 -3.68 13.05 -12.99
CA ARG B 110 -2.64 13.85 -13.62
C ARG B 110 -1.28 13.23 -13.38
N CYS B 111 -0.50 13.05 -14.46
CA CYS B 111 0.83 12.48 -14.38
C CYS B 111 1.92 13.41 -14.88
N GLU B 112 3.06 13.39 -14.21
CA GLU B 112 4.22 14.11 -14.72
C GLU B 112 5.55 13.33 -14.54
N ALA B 113 6.52 13.66 -15.39
CA ALA B 113 7.84 13.07 -15.37
C ALA B 113 8.89 14.18 -15.23
N LYS B 114 9.91 13.94 -14.42
CA LYS B 114 10.95 14.93 -14.20
C LYS B 114 12.05 14.86 -15.27
N ASN B 115 12.11 13.73 -15.96
CA ASN B 115 13.20 13.44 -16.87
C ASN B 115 12.68 12.39 -17.82
N TYR B 116 13.56 11.79 -18.62
CA TYR B 116 13.15 10.78 -19.60
C TYR B 116 13.45 9.35 -19.14
N SER B 117 13.82 9.21 -17.86
CA SER B 117 14.23 7.92 -17.27
C SER B 117 13.21 6.78 -17.42
N GLY B 118 11.93 7.12 -17.45
CA GLY B 118 10.88 6.10 -17.40
C GLY B 118 10.12 6.13 -16.07
N ARG B 119 10.65 6.87 -15.09
CA ARG B 119 9.95 7.15 -13.83
C ARG B 119 9.00 8.33 -14.03
N PHE B 120 7.77 8.15 -13.55
CA PHE B 120 6.77 9.20 -13.52
C PHE B 120 5.90 9.06 -12.27
N THR B 121 5.20 10.13 -11.91
CA THR B 121 4.29 10.22 -10.78
C THR B 121 2.90 10.61 -11.26
N CYS B 122 1.88 9.87 -10.85
CA CYS B 122 0.51 10.31 -10.98
C CYS B 122 -0.07 10.73 -9.63
N TRP B 123 -1.05 11.62 -9.69
CA TRP B 123 -1.73 12.09 -8.50
C TRP B 123 -3.19 12.38 -8.80
N TRP B 124 -4.01 12.33 -7.73
CA TRP B 124 -5.44 12.58 -7.84
C TRP B 124 -5.99 13.17 -6.53
N LEU B 125 -7.19 13.73 -6.65
CA LEU B 125 -7.82 14.43 -5.54
C LEU B 125 -9.11 13.76 -5.18
N THR B 126 -9.39 13.78 -3.88
CA THR B 126 -10.68 13.33 -3.37
C THR B 126 -11.10 14.21 -2.19
N THR B 127 -12.41 14.23 -1.91
CA THR B 127 -12.91 14.89 -0.70
C THR B 127 -13.15 13.88 0.43
N ILE B 128 -12.99 12.59 0.13
CA ILE B 128 -13.20 11.49 1.09
C ILE B 128 -11.95 11.25 1.94
N SER B 129 -12.14 11.13 3.25
CA SER B 129 -11.03 10.98 4.20
C SER B 129 -10.85 9.57 4.79
N THR B 130 -11.85 8.70 4.59
CA THR B 130 -11.87 7.36 5.22
C THR B 130 -12.28 6.23 4.28
N ASP B 131 -11.90 5.00 4.65
CA ASP B 131 -12.32 3.75 3.98
C ASP B 131 -12.04 3.71 2.48
N LEU B 132 -10.88 4.19 2.08
CA LEU B 132 -10.53 4.35 0.68
C LEU B 132 -9.29 3.51 0.38
N THR B 133 -9.35 2.77 -0.71
CA THR B 133 -8.24 1.93 -1.20
C THR B 133 -7.99 2.22 -2.69
N PHE B 134 -6.73 2.47 -3.01
CA PHE B 134 -6.26 2.71 -4.39
C PHE B 134 -5.20 1.69 -4.77
N SER B 135 -5.43 0.99 -5.88
CA SER B 135 -4.41 0.14 -6.45
C SER B 135 -4.11 0.64 -7.86
N VAL B 136 -2.81 0.81 -8.15
CA VAL B 136 -2.36 1.35 -9.45
C VAL B 136 -1.65 0.27 -10.25
N LYS B 137 -2.10 0.07 -11.49
CA LYS B 137 -1.36 -0.76 -12.48
C LYS B 137 -1.03 0.11 -13.70
N SER B 138 0.04 -0.23 -14.41
CA SER B 138 0.43 0.53 -15.60
C SER B 138 1.13 -0.35 -16.61
N SER B 139 1.11 0.06 -17.88
CA SER B 139 1.82 -0.68 -18.91
C SER B 139 2.21 0.24 -20.06
N ARG B 140 3.10 -0.24 -20.92
CA ARG B 140 3.29 0.45 -22.20
C ARG B 140 2.71 -0.38 -23.34
N GLY B 141 1.67 0.17 -23.96
CA GLY B 141 0.95 -0.49 -25.04
C GLY B 141 -0.22 -1.29 -24.49
N SER B 142 -1.26 -1.44 -25.32
CA SER B 142 -2.47 -2.19 -24.95
C SER B 142 -2.50 -3.54 -25.63
N SER B 143 -2.07 -3.55 -26.90
CA SER B 143 -2.10 -4.72 -27.77
C SER B 143 -1.22 -5.85 -27.21
N ASP B 144 0.04 -5.54 -26.90
CA ASP B 144 0.93 -6.48 -26.23
C ASP B 144 1.71 -5.68 -25.17
N PRO B 145 1.23 -5.68 -23.92
CA PRO B 145 1.69 -4.72 -22.91
C PRO B 145 3.08 -5.01 -22.39
N GLN B 146 3.87 -3.95 -22.33
CA GLN B 146 5.25 -3.98 -21.85
C GLN B 146 5.19 -3.49 -20.39
N GLY B 147 6.03 -4.07 -19.54
CA GLY B 147 5.93 -3.87 -18.10
C GLY B 147 6.23 -2.48 -17.56
N VAL B 148 5.39 -2.07 -16.63
CA VAL B 148 5.60 -0.89 -15.79
C VAL B 148 5.33 -1.29 -14.32
N THR B 149 6.23 -0.88 -13.44
CA THR B 149 6.17 -1.18 -12.01
C THR B 149 5.81 0.07 -11.23
N CYS B 150 4.69 0.00 -10.50
CA CYS B 150 4.23 1.08 -9.65
C CYS B 150 4.32 0.65 -8.20
N GLY B 151 4.61 1.62 -7.32
CA GLY B 151 4.49 1.42 -5.89
C GLY B 151 3.06 1.60 -5.37
N ALA B 152 2.95 1.83 -4.06
CA ALA B 152 1.67 2.07 -3.41
C ALA B 152 1.28 3.54 -3.55
N ALA B 153 -0.02 3.75 -3.78
CA ALA B 153 -0.64 5.07 -3.79
C ALA B 153 -0.80 5.53 -2.35
N THR B 154 -0.26 6.69 -2.01
CA THR B 154 -0.31 7.18 -0.65
C THR B 154 -0.74 8.65 -0.59
N LEU B 155 -1.26 9.05 0.57
CA LEU B 155 -1.74 10.42 0.76
C LEU B 155 -0.52 11.34 0.70
N SER B 156 -0.54 12.28 -0.26
CA SER B 156 0.58 13.19 -0.45
C SER B 156 0.38 14.51 0.30
N ALA B 157 -0.83 15.07 0.22
CA ALA B 157 -1.16 16.29 0.98
C ALA B 157 -2.65 16.43 1.25
N GLU B 158 -2.97 17.21 2.28
CA GLU B 158 -4.36 17.50 2.68
C GLU B 158 -4.80 18.92 2.29
N ASN B 164 -9.65 24.72 1.62
CA ASN B 164 -10.68 23.73 1.30
C ASN B 164 -10.48 22.48 2.16
N LYS B 165 -11.12 21.36 1.79
CA LYS B 165 -10.70 20.04 2.31
C LYS B 165 -10.72 18.91 1.25
N GLU B 166 -9.67 18.89 0.45
CA GLU B 166 -9.41 17.84 -0.51
C GLU B 166 -8.16 17.11 -0.07
N TYR B 167 -8.12 15.82 -0.40
CA TYR B 167 -6.95 15.00 -0.11
C TYR B 167 -6.30 14.63 -1.42
N GLU B 168 -4.98 14.77 -1.45
CA GLU B 168 -4.22 14.44 -2.64
C GLU B 168 -3.48 13.12 -2.46
N TYR B 169 -3.67 12.24 -3.43
CA TYR B 169 -2.96 10.96 -3.47
C TYR B 169 -2.01 10.95 -4.67
N SER B 170 -0.85 10.32 -4.48
CA SER B 170 0.15 10.18 -5.52
C SER B 170 0.75 8.78 -5.52
N VAL B 171 1.23 8.36 -6.67
CA VAL B 171 1.83 7.07 -6.87
C VAL B 171 3.05 7.25 -7.79
N GLU B 172 4.13 6.53 -7.50
CA GLU B 172 5.31 6.56 -8.36
C GLU B 172 5.41 5.26 -9.11
N CYS B 173 5.62 5.39 -10.42
CA CYS B 173 5.74 4.27 -11.34
C CYS B 173 7.09 4.37 -12.09
N GLN B 174 7.56 3.22 -12.61
CA GLN B 174 8.81 3.13 -13.35
C GLN B 174 8.68 2.11 -14.46
N GLU B 175 8.81 2.57 -15.69
CA GLU B 175 8.78 1.70 -16.85
C GLU B 175 9.93 0.72 -16.72
N ASP B 176 9.64 -0.56 -16.90
CA ASP B 176 10.64 -1.61 -16.69
C ASP B 176 11.78 -1.60 -17.71
N SER B 177 11.42 -1.44 -18.97
CA SER B 177 12.40 -1.45 -20.07
C SER B 177 12.45 -0.12 -20.84
N ALA B 178 12.77 0.95 -20.12
CA ALA B 178 12.80 2.30 -20.66
C ALA B 178 13.87 2.49 -21.74
N CYS B 179 13.52 3.31 -22.74
CA CYS B 179 14.48 3.83 -23.73
C CYS B 179 14.38 5.35 -23.75
N PRO B 180 15.13 6.02 -22.88
CA PRO B 180 15.00 7.45 -22.68
C PRO B 180 15.04 8.27 -23.96
N ALA B 181 15.89 7.87 -24.90
CA ALA B 181 16.19 8.64 -26.10
C ALA B 181 15.24 8.39 -27.27
N ALA B 182 14.46 7.31 -27.23
CA ALA B 182 13.72 6.88 -28.40
C ALA B 182 12.50 7.75 -28.68
N GLU B 183 11.88 7.61 -29.84
CA GLU B 183 10.67 8.35 -30.10
C GLU B 183 9.52 7.38 -29.85
N GLU B 184 8.78 7.62 -28.78
CA GLU B 184 7.75 6.69 -28.34
C GLU B 184 6.68 6.68 -29.42
N SER B 185 6.23 5.48 -29.77
CA SER B 185 5.12 5.26 -30.69
C SER B 185 3.90 4.72 -29.95
N LEU B 186 4.15 4.11 -28.79
CA LEU B 186 3.08 3.54 -27.98
C LEU B 186 3.00 4.25 -26.62
N PRO B 187 1.78 4.61 -26.20
CA PRO B 187 1.70 5.39 -24.94
C PRO B 187 1.65 4.53 -23.68
N ILE B 188 2.00 5.15 -22.56
CA ILE B 188 1.80 4.53 -21.27
C ILE B 188 0.33 4.60 -20.89
N GLU B 189 -0.18 3.44 -20.47
CA GLU B 189 -1.51 3.28 -19.87
C GLU B 189 -1.39 3.25 -18.35
N VAL B 190 -2.17 4.09 -17.67
CA VAL B 190 -2.20 4.04 -16.21
C VAL B 190 -3.62 3.70 -15.76
N MET B 191 -3.75 2.68 -14.92
CA MET B 191 -5.05 2.20 -14.46
C MET B 191 -5.13 2.29 -12.95
N VAL B 192 -6.14 3.01 -12.47
CA VAL B 192 -6.38 3.19 -11.03
C VAL B 192 -7.71 2.58 -10.58
N ASP B 193 -7.62 1.63 -9.66
CA ASP B 193 -8.79 1.06 -9.01
C ASP B 193 -9.10 1.93 -7.79
N ALA B 194 -10.34 2.42 -7.72
CA ALA B 194 -10.77 3.21 -6.57
C ALA B 194 -11.93 2.51 -5.85
N VAL B 195 -11.77 2.35 -4.53
CA VAL B 195 -12.75 1.67 -3.68
C VAL B 195 -13.06 2.54 -2.43
N HIS B 196 -14.32 2.92 -2.28
CA HIS B 196 -14.75 3.60 -1.08
C HIS B 196 -15.80 2.71 -0.45
N LYS B 197 -15.49 2.22 0.74
CA LYS B 197 -16.35 1.25 1.41
C LYS B 197 -16.63 0.10 0.43
N LEU B 198 -17.85 0.05 -0.13
CA LEU B 198 -18.23 -1.01 -1.06
C LEU B 198 -18.46 -0.51 -2.47
N LYS B 199 -18.01 0.71 -2.74
CA LYS B 199 -18.18 1.31 -4.05
C LYS B 199 -16.86 1.19 -4.79
N TYR B 200 -16.92 0.52 -5.94
CA TYR B 200 -15.77 0.41 -6.82
C TYR B 200 -15.91 1.34 -8.02
N GLU B 201 -14.80 2.00 -8.39
CA GLU B 201 -14.68 2.82 -9.62
C GLU B 201 -13.31 2.64 -10.30
N ASN B 202 -13.30 2.63 -11.64
CA ASN B 202 -12.09 2.54 -12.48
C ASN B 202 -11.72 3.88 -13.05
N TYR B 203 -10.44 4.24 -12.97
CA TYR B 203 -9.93 5.45 -13.64
C TYR B 203 -8.76 5.12 -14.54
N THR B 204 -8.59 5.94 -15.57
CA THR B 204 -7.59 5.63 -16.58
C THR B 204 -6.88 6.87 -17.14
N SER B 205 -5.70 6.65 -17.69
CA SER B 205 -4.88 7.69 -18.31
C SER B 205 -3.98 7.05 -19.34
N SER B 206 -3.64 7.84 -20.35
CA SER B 206 -2.69 7.42 -21.40
C SER B 206 -1.95 8.64 -21.91
N PHE B 207 -0.67 8.44 -22.17
CA PHE B 207 0.26 9.50 -22.48
C PHE B 207 1.59 8.92 -22.91
N PHE B 208 2.30 9.74 -23.67
CA PHE B 208 3.71 9.57 -23.91
C PHE B 208 4.43 10.30 -22.79
N ILE B 209 5.54 9.76 -22.32
CA ILE B 209 6.37 10.46 -21.33
C ILE B 209 6.76 11.90 -21.75
N ARG B 210 7.09 12.05 -23.03
CA ARG B 210 7.53 13.35 -23.58
C ARG B 210 6.50 14.45 -23.38
N ASP B 211 5.23 14.06 -23.31
CA ASP B 211 4.12 15.01 -23.19
C ASP B 211 3.81 15.40 -21.75
N ILE B 212 4.30 14.58 -20.81
CA ILE B 212 4.08 14.82 -19.38
C ILE B 212 5.35 15.33 -18.72
N ILE B 213 6.38 15.57 -19.52
CA ILE B 213 7.62 16.20 -19.02
C ILE B 213 7.35 17.57 -18.39
N LYS B 214 7.94 17.75 -17.22
CA LYS B 214 8.02 19.01 -16.52
C LYS B 214 9.31 18.97 -15.71
N PRO B 215 10.34 19.77 -16.09
CA PRO B 215 11.58 19.72 -15.33
C PRO B 215 11.44 20.34 -13.95
N ASP B 216 12.33 19.96 -13.06
CA ASP B 216 12.45 20.69 -11.82
C ASP B 216 13.06 22.08 -12.07
N PRO B 217 12.87 23.02 -11.11
CA PRO B 217 13.41 24.39 -11.21
C PRO B 217 14.93 24.43 -11.40
N PRO B 218 15.44 25.48 -12.08
CA PRO B 218 16.90 25.67 -12.07
C PRO B 218 17.44 25.67 -10.63
N LYS B 219 18.59 25.04 -10.43
CA LYS B 219 19.22 25.02 -9.12
C LYS B 219 20.26 26.12 -9.03
N ASN B 220 20.65 26.45 -7.80
CA ASN B 220 21.76 27.36 -7.52
C ASN B 220 21.63 28.71 -8.26
N LEU B 221 20.41 29.24 -8.26
CA LEU B 221 20.17 30.58 -8.78
C LEU B 221 21.02 31.64 -8.06
N GLN B 222 21.89 32.30 -8.82
CA GLN B 222 22.80 33.29 -8.27
C GLN B 222 22.74 34.62 -9.00
N LEU B 223 23.02 35.70 -8.27
CA LEU B 223 23.20 37.03 -8.84
C LEU B 223 24.54 37.57 -8.38
N LYS B 224 25.40 37.88 -9.34
CA LYS B 224 26.58 38.69 -9.07
C LYS B 224 26.48 40.00 -9.84
N PRO B 225 26.55 41.14 -9.12
CA PRO B 225 26.30 42.47 -9.67
C PRO B 225 27.48 43.02 -10.49
N LEU B 226 27.21 44.09 -11.25
CA LEU B 226 28.21 44.68 -12.11
C LEU B 226 28.42 46.17 -11.80
N GLN B 231 22.49 46.39 -12.99
CA GLN B 231 23.15 45.39 -13.83
C GLN B 231 23.58 44.19 -12.99
N VAL B 232 23.03 43.02 -13.32
CA VAL B 232 23.35 41.76 -12.63
C VAL B 232 23.55 40.58 -13.60
N GLU B 233 24.68 39.90 -13.47
CA GLU B 233 24.87 38.63 -14.16
C GLU B 233 24.19 37.49 -13.37
N VAL B 234 23.08 36.98 -13.89
CA VAL B 234 22.37 35.85 -13.28
C VAL B 234 22.91 34.52 -13.80
N SER B 235 23.12 33.57 -12.90
CA SER B 235 23.59 32.24 -13.26
C SER B 235 22.80 31.17 -12.51
N TRP B 236 22.69 30.00 -13.12
CA TRP B 236 22.01 28.85 -12.51
C TRP B 236 22.60 27.57 -13.08
N GLU B 237 22.09 26.42 -12.65
CA GLU B 237 22.51 25.14 -13.20
C GLU B 237 21.28 24.32 -13.54
N TYR B 238 21.46 23.28 -14.37
CA TYR B 238 20.40 22.31 -14.64
C TYR B 238 19.97 21.62 -13.33
N PRO B 239 18.66 21.33 -13.17
CA PRO B 239 18.22 20.62 -11.96
C PRO B 239 18.83 19.20 -11.88
N ASP B 240 19.13 18.76 -10.67
CA ASP B 240 19.74 17.45 -10.43
C ASP B 240 18.95 16.28 -11.06
N THR B 241 17.62 16.37 -11.03
CA THR B 241 16.75 15.30 -11.52
C THR B 241 16.65 15.18 -13.04
N TRP B 242 17.17 16.19 -13.75
CA TRP B 242 17.11 16.22 -15.21
C TRP B 242 18.10 15.23 -15.86
N SER B 243 17.61 14.58 -16.93
CA SER B 243 18.40 13.68 -17.78
C SER B 243 19.76 14.22 -18.25
N THR B 244 20.74 13.31 -18.17
CA THR B 244 22.10 13.51 -18.64
C THR B 244 22.40 12.51 -19.79
N PRO B 245 23.32 12.87 -20.72
CA PRO B 245 24.07 14.14 -20.80
C PRO B 245 23.22 15.35 -21.21
N HIS B 246 23.44 16.48 -20.54
CA HIS B 246 22.82 17.75 -20.90
C HIS B 246 23.09 18.13 -22.35
N SER B 247 24.22 17.70 -22.90
CA SER B 247 24.52 17.96 -24.32
C SER B 247 23.58 17.26 -25.32
N TYR B 248 22.89 16.22 -24.84
CA TYR B 248 21.85 15.53 -25.61
C TYR B 248 20.46 15.99 -25.14
N PHE B 249 20.18 15.86 -23.83
CA PHE B 249 18.90 16.30 -23.27
C PHE B 249 18.96 17.76 -22.86
N SER B 250 18.93 18.64 -23.86
CA SER B 250 19.14 20.09 -23.63
C SER B 250 17.89 20.77 -23.07
N LEU B 251 18.14 21.75 -22.20
CA LEU B 251 17.07 22.61 -21.69
C LEU B 251 17.18 24.03 -22.29
N THR B 252 16.11 24.80 -22.11
CA THR B 252 16.08 26.19 -22.45
C THR B 252 15.45 26.94 -21.27
N PHE B 253 15.78 28.23 -21.12
CA PHE B 253 15.42 28.99 -19.93
C PHE B 253 14.72 30.32 -20.22
N CYS B 254 13.87 30.74 -19.28
CA CYS B 254 13.25 32.05 -19.34
C CYS B 254 13.58 32.80 -18.06
N VAL B 255 14.36 33.86 -18.22
CA VAL B 255 14.70 34.78 -17.13
C VAL B 255 13.76 35.98 -17.10
N GLN B 256 13.13 36.20 -15.94
CA GLN B 256 12.09 37.21 -15.81
C GLN B 256 12.35 38.11 -14.60
N VAL B 257 12.21 39.43 -14.81
CA VAL B 257 12.37 40.41 -13.72
C VAL B 257 11.02 41.03 -13.40
N GLN B 258 10.41 40.62 -12.29
CA GLN B 258 9.08 41.11 -11.88
C GLN B 258 9.07 41.90 -10.57
N GLY B 259 8.05 42.76 -10.43
CA GLY B 259 7.92 43.66 -9.29
C GLY B 259 6.87 43.25 -8.28
N LYS B 260 5.83 44.08 -8.14
CA LYS B 260 4.75 43.85 -7.18
C LYS B 260 3.45 43.40 -7.87
N LYS B 265 5.26 45.68 -14.99
CA LYS B 265 5.25 44.73 -16.10
C LYS B 265 6.50 43.85 -16.04
N LYS B 266 6.59 42.88 -16.92
CA LYS B 266 7.73 42.00 -16.83
C LYS B 266 8.65 41.96 -18.04
N ASP B 267 9.92 42.03 -17.71
CA ASP B 267 10.98 41.79 -18.62
C ASP B 267 11.26 40.29 -18.61
N ARG B 268 11.41 39.74 -19.79
CA ARG B 268 11.77 38.34 -20.04
C ARG B 268 12.94 38.26 -20.99
N VAL B 269 13.91 37.40 -20.65
CA VAL B 269 14.98 37.05 -21.57
C VAL B 269 14.93 35.53 -21.74
N PHE B 270 14.95 35.06 -22.99
CA PHE B 270 15.02 33.64 -23.30
C PHE B 270 16.44 33.26 -23.73
N THR B 271 17.00 32.23 -23.10
CA THR B 271 18.36 31.78 -23.41
C THR B 271 18.54 30.26 -23.31
N ASP B 272 19.45 29.73 -24.11
CA ASP B 272 19.87 28.35 -23.99
C ASP B 272 21.06 28.19 -23.02
N LYS B 273 21.70 29.30 -22.73
CA LYS B 273 22.84 29.34 -21.81
C LYS B 273 22.35 29.24 -20.36
N THR B 274 23.26 28.96 -19.43
CA THR B 274 22.93 28.93 -18.01
C THR B 274 23.29 30.24 -17.32
N SER B 275 23.41 31.30 -18.10
CA SER B 275 23.46 32.65 -17.56
C SER B 275 22.87 33.71 -18.49
N ALA B 276 22.54 34.86 -17.89
CA ALA B 276 22.04 36.04 -18.60
C ALA B 276 22.38 37.29 -17.81
N THR B 277 22.46 38.43 -18.49
CA THR B 277 22.57 39.75 -17.85
C THR B 277 21.23 40.49 -17.92
N VAL B 278 20.68 40.80 -16.75
CA VAL B 278 19.42 41.53 -16.67
C VAL B 278 19.57 42.83 -15.87
N ILE B 279 18.56 43.71 -15.97
CA ILE B 279 18.52 44.94 -15.18
C ILE B 279 17.69 44.74 -13.90
N CYS B 280 18.36 44.85 -12.76
CA CYS B 280 17.66 44.74 -11.48
C CYS B 280 17.09 46.08 -11.04
N ARG B 281 15.75 46.17 -11.00
CA ARG B 281 15.09 47.22 -10.24
C ARG B 281 15.44 46.89 -8.79
N LYS B 282 15.84 47.89 -8.01
CA LYS B 282 16.24 47.61 -6.63
C LYS B 282 15.08 47.35 -5.65
N ASN B 283 13.96 46.87 -6.22
CA ASN B 283 12.83 46.33 -5.46
C ASN B 283 12.03 45.39 -6.37
N ALA B 284 12.67 44.27 -6.71
CA ALA B 284 12.15 43.28 -7.65
C ALA B 284 12.93 41.96 -7.54
N SER B 285 12.39 40.90 -8.13
CA SER B 285 13.03 39.59 -8.06
C SER B 285 13.31 38.97 -9.43
N ILE B 286 14.50 38.35 -9.55
CA ILE B 286 14.91 37.59 -10.74
C ILE B 286 14.36 36.15 -10.69
N SER B 287 13.59 35.76 -11.70
CA SER B 287 13.01 34.41 -11.79
C SER B 287 13.44 33.65 -13.06
N VAL B 288 13.91 32.41 -12.87
CA VAL B 288 14.34 31.55 -13.97
C VAL B 288 13.53 30.25 -14.01
N ARG B 289 13.20 29.82 -15.23
CA ARG B 289 12.30 28.70 -15.43
C ARG B 289 12.75 27.91 -16.66
N ALA B 290 12.64 26.56 -16.59
CA ALA B 290 13.29 25.67 -17.55
C ALA B 290 12.31 24.84 -18.35
N GLN B 291 12.62 24.58 -19.60
CA GLN B 291 11.76 23.73 -20.43
C GLN B 291 12.62 22.88 -21.36
N ASP B 292 12.07 21.78 -21.84
CA ASP B 292 12.77 21.00 -22.84
C ASP B 292 13.07 21.89 -24.03
N ARG B 293 14.32 21.92 -24.47
CA ARG B 293 14.72 22.75 -25.60
C ARG B 293 14.03 22.43 -26.93
N TYR B 294 13.70 21.17 -27.16
CA TYR B 294 13.29 20.73 -28.50
C TYR B 294 11.84 20.35 -28.61
N TYR B 295 11.17 20.21 -27.47
CA TYR B 295 9.79 19.77 -27.44
C TYR B 295 9.02 20.61 -26.43
N SER B 296 7.82 21.03 -26.82
CA SER B 296 7.00 21.94 -26.02
C SER B 296 6.20 21.25 -24.91
N SER B 297 6.91 20.64 -23.97
CA SER B 297 6.29 20.14 -22.77
C SER B 297 6.24 21.26 -21.71
N SER B 298 5.95 20.91 -20.45
CA SER B 298 5.74 21.90 -19.39
C SER B 298 6.99 22.65 -18.93
N TRP B 299 6.80 23.94 -18.71
CA TRP B 299 7.77 24.75 -17.99
C TRP B 299 7.83 24.31 -16.53
N SER B 300 9.03 24.36 -15.95
CA SER B 300 9.25 24.07 -14.56
C SER B 300 8.62 25.15 -13.67
N GLU B 301 8.65 24.94 -12.35
CA GLU B 301 8.34 26.02 -11.43
C GLU B 301 9.49 27.01 -11.47
N TRP B 302 9.18 28.28 -11.22
CA TRP B 302 10.19 29.33 -11.15
C TRP B 302 11.19 29.05 -10.03
N ALA B 303 12.43 29.47 -10.23
CA ALA B 303 13.37 29.66 -9.15
C ALA B 303 13.53 31.18 -8.99
N SER B 304 13.24 31.69 -7.80
CA SER B 304 13.26 33.14 -7.56
C SER B 304 14.39 33.55 -6.66
N VAL B 305 14.83 34.80 -6.83
CA VAL B 305 15.84 35.43 -5.97
C VAL B 305 15.63 36.95 -6.02
N PRO B 306 15.53 37.61 -4.86
CA PRO B 306 15.37 39.06 -4.82
C PRO B 306 16.66 39.80 -5.21
N CYS B 307 16.52 41.02 -5.72
CA CYS B 307 17.66 41.82 -6.17
C CYS B 307 18.51 42.32 -4.99
N LEU C 1 -46.20 -40.37 16.43
CA LEU C 1 -45.30 -39.55 17.28
C LEU C 1 -45.11 -40.17 18.63
N ARG C 2 -43.87 -40.08 19.12
CA ARG C 2 -43.56 -40.50 20.46
C ARG C 2 -42.64 -39.51 21.17
N ALA C 3 -42.47 -39.79 22.46
CA ALA C 3 -41.68 -39.02 23.38
C ALA C 3 -40.92 -40.05 24.22
N VAL C 4 -39.60 -39.93 24.22
CA VAL C 4 -38.73 -40.97 24.76
C VAL C 4 -37.68 -40.27 25.62
N PRO C 5 -37.37 -40.83 26.81
CA PRO C 5 -36.36 -40.20 27.65
C PRO C 5 -35.00 -40.17 26.93
N GLY C 6 -34.32 -39.03 27.00
CA GLY C 6 -33.03 -38.88 26.35
C GLY C 6 -31.85 -38.89 27.32
N GLY C 7 -32.12 -39.14 28.59
CA GLY C 7 -31.06 -39.09 29.58
C GLY C 7 -31.03 -37.84 30.43
N SER C 8 -30.07 -37.80 31.34
CA SER C 8 -29.94 -36.67 32.25
C SER C 8 -29.41 -35.46 31.48
N SER C 9 -29.94 -34.28 31.81
CA SER C 9 -29.49 -33.05 31.20
C SER C 9 -28.14 -32.67 31.80
N PRO C 10 -27.26 -32.01 31.01
CA PRO C 10 -26.06 -31.47 31.67
C PRO C 10 -26.47 -30.47 32.76
N ALA C 11 -25.70 -30.35 33.83
CA ALA C 11 -26.05 -29.39 34.90
C ALA C 11 -25.58 -27.94 34.54
N TRP C 12 -26.27 -27.31 33.59
CA TRP C 12 -25.75 -26.08 32.97
C TRP C 12 -25.47 -24.91 33.93
N THR C 13 -26.38 -24.66 34.86
CA THR C 13 -26.25 -23.52 35.80
C THR C 13 -25.10 -23.74 36.80
N GLN C 14 -24.91 -24.98 37.26
CA GLN C 14 -23.78 -25.32 38.13
C GLN C 14 -22.46 -25.25 37.43
N CYS C 15 -22.43 -25.75 36.21
CA CYS C 15 -21.24 -25.67 35.38
C CYS C 15 -20.92 -24.24 35.01
N GLN C 16 -21.95 -23.47 34.73
CA GLN C 16 -21.74 -22.06 34.48
C GLN C 16 -21.05 -21.39 35.67
N GLN C 17 -21.50 -21.71 36.89
CA GLN C 17 -20.96 -21.10 38.11
C GLN C 17 -19.60 -21.63 38.45
N LEU C 18 -19.37 -22.92 38.25
CA LEU C 18 -18.03 -23.43 38.55
C LEU C 18 -17.00 -22.95 37.55
N SER C 19 -17.38 -22.81 36.28
CA SER C 19 -16.42 -22.38 35.26
C SER C 19 -16.03 -20.89 35.38
N GLN C 20 -17.01 -20.08 35.74
CA GLN C 20 -16.79 -18.69 36.14
C GLN C 20 -15.86 -18.60 37.36
N LYS C 21 -16.13 -19.42 38.38
CA LYS C 21 -15.25 -19.48 39.54
C LYS C 21 -13.82 -19.83 39.14
N LEU C 22 -13.66 -20.74 38.19
CA LEU C 22 -12.34 -21.19 37.77
C LEU C 22 -11.58 -20.07 37.06
N CYS C 23 -12.30 -19.21 36.34
CA CYS C 23 -11.68 -18.07 35.63
C CYS C 23 -11.12 -17.09 36.66
N THR C 24 -11.92 -16.80 37.69
CA THR C 24 -11.51 -15.96 38.81
C THR C 24 -10.28 -16.53 39.48
N LEU C 25 -10.31 -17.82 39.82
CA LEU C 25 -9.17 -18.46 40.47
C LEU C 25 -7.91 -18.52 39.63
N ALA C 26 -8.03 -18.89 38.35
CA ALA C 26 -6.86 -19.00 37.47
C ALA C 26 -6.12 -17.67 37.32
N TRP C 27 -6.86 -16.56 37.29
CA TRP C 27 -6.26 -15.21 37.27
C TRP C 27 -5.94 -14.65 38.66
N SER C 28 -6.30 -15.39 39.71
CA SER C 28 -5.89 -15.02 41.06
C SER C 28 -4.41 -15.41 41.30
N ALA C 29 -3.91 -16.37 40.53
CA ALA C 29 -2.47 -16.58 40.38
C ALA C 29 -1.93 -15.68 39.23
N HIS C 30 -1.69 -14.40 39.53
CA HIS C 30 -1.35 -13.37 38.53
C HIS C 30 -2.17 -13.48 37.23
N ASN C 48 5.32 -30.89 24.37
CA ASN C 48 4.03 -30.69 25.03
C ASN C 48 2.89 -31.25 24.19
N ASP C 49 1.75 -31.46 24.84
CA ASP C 49 0.59 -32.11 24.22
C ASP C 49 -0.69 -31.69 24.97
N VAL C 50 -0.60 -30.53 25.62
CA VAL C 50 -1.74 -29.91 26.31
C VAL C 50 -2.97 -29.94 25.41
N PRO C 51 -4.11 -30.42 25.94
CA PRO C 51 -5.32 -30.39 25.13
C PRO C 51 -5.83 -28.95 25.04
N HIS C 52 -6.40 -28.61 23.89
CA HIS C 52 -6.97 -27.31 23.65
C HIS C 52 -8.35 -27.54 23.05
N ILE C 53 -9.31 -26.70 23.44
CA ILE C 53 -10.60 -26.64 22.74
C ILE C 53 -10.33 -26.15 21.30
N GLN C 54 -10.25 -27.08 20.37
CA GLN C 54 -9.98 -26.74 18.97
C GLN C 54 -11.29 -26.47 18.28
N CYS C 55 -11.18 -26.03 17.03
CA CYS C 55 -12.32 -25.74 16.20
C CYS C 55 -13.17 -26.95 15.82
N GLY C 56 -12.56 -28.11 15.71
CA GLY C 56 -13.34 -29.33 15.43
C GLY C 56 -14.24 -29.79 16.58
N ASP C 57 -14.01 -29.22 17.76
CA ASP C 57 -14.52 -29.77 19.02
C ASP C 57 -16.00 -29.56 19.40
N GLY C 58 -16.72 -28.75 18.62
CA GLY C 58 -18.16 -28.58 18.86
C GLY C 58 -18.55 -27.55 19.93
N CYS C 59 -17.56 -26.84 20.48
CA CYS C 59 -17.79 -25.84 21.54
C CYS C 59 -18.26 -24.43 21.08
N ASP C 60 -18.20 -24.17 19.79
CA ASP C 60 -18.71 -22.90 19.24
C ASP C 60 -20.21 -22.79 19.47
N PRO C 61 -20.77 -21.55 19.46
CA PRO C 61 -22.19 -21.38 19.69
C PRO C 61 -23.09 -22.30 18.87
N GLN C 62 -22.88 -22.38 17.55
CA GLN C 62 -23.69 -23.26 16.67
C GLN C 62 -23.50 -24.75 16.98
N GLY C 63 -22.27 -25.14 17.24
CA GLY C 63 -21.93 -26.52 17.57
C GLY C 63 -22.61 -27.01 18.84
N LEU C 64 -22.99 -26.07 19.70
CA LEU C 64 -23.60 -26.43 20.99
C LEU C 64 -25.04 -26.90 20.88
N ARG C 65 -25.83 -26.20 20.05
CA ARG C 65 -27.19 -26.62 19.75
C ARG C 65 -27.24 -28.04 19.18
N ASP C 66 -26.55 -28.29 18.07
CA ASP C 66 -26.58 -29.61 17.42
C ASP C 66 -26.24 -30.74 18.38
N ASN C 67 -25.07 -30.67 19.00
CA ASN C 67 -24.67 -31.71 19.95
C ASN C 67 -23.60 -31.19 20.90
N SER C 68 -23.96 -31.10 22.17
CA SER C 68 -23.08 -30.53 23.17
C SER C 68 -22.22 -31.59 23.82
N GLN C 69 -22.56 -32.87 23.63
CA GLN C 69 -21.81 -33.98 24.26
C GLN C 69 -20.37 -34.00 23.82
N PHE C 70 -20.13 -33.80 22.52
CA PHE C 70 -18.78 -33.68 21.97
C PHE C 70 -17.95 -32.66 22.74
N CYS C 71 -18.44 -31.41 22.73
CA CYS C 71 -17.80 -30.31 23.44
C CYS C 71 -17.56 -30.61 24.92
N LEU C 72 -18.63 -31.01 25.60
CA LEU C 72 -18.54 -31.24 27.03
C LEU C 72 -17.52 -32.35 27.37
N GLN C 73 -17.49 -33.34 26.50
CA GLN C 73 -16.60 -34.49 26.65
C GLN C 73 -15.15 -34.04 26.51
N ARG C 74 -14.88 -33.19 25.51
CA ARG C 74 -13.58 -32.50 25.32
C ARG C 74 -13.18 -31.55 26.45
N ILE C 75 -14.18 -30.86 26.99
CA ILE C 75 -13.96 -30.03 28.16
C ILE C 75 -13.59 -30.90 29.36
N HIS C 76 -14.34 -31.98 29.58
CA HIS C 76 -14.00 -32.95 30.63
C HIS C 76 -12.55 -33.42 30.53
N GLN C 77 -12.14 -33.86 29.35
CA GLN C 77 -10.76 -34.26 29.09
C GLN C 77 -9.67 -33.25 29.49
N GLY C 78 -9.89 -31.98 29.14
CA GLY C 78 -8.99 -30.90 29.49
C GLY C 78 -8.98 -30.66 30.98
N LEU C 79 -10.15 -30.72 31.59
CA LEU C 79 -10.22 -30.55 33.05
C LEU C 79 -9.41 -31.60 33.80
N ILE C 80 -9.46 -32.85 33.35
CA ILE C 80 -8.74 -33.93 34.06
C ILE C 80 -7.25 -33.91 33.78
N PHE C 81 -6.88 -33.47 32.58
CA PHE C 81 -5.50 -33.18 32.26
C PHE C 81 -4.94 -32.12 33.19
N TYR C 82 -5.65 -31.01 33.36
CA TYR C 82 -5.16 -29.94 34.23
C TYR C 82 -5.15 -30.32 35.71
N GLU C 83 -6.18 -31.03 36.19
CA GLU C 83 -6.21 -31.42 37.59
C GLU C 83 -5.03 -32.37 37.93
N LYS C 84 -4.66 -33.23 36.98
CA LYS C 84 -3.46 -34.06 37.15
C LYS C 84 -2.19 -33.21 37.23
N LEU C 85 -2.10 -32.15 36.43
CA LEU C 85 -0.95 -31.27 36.46
C LEU C 85 -0.80 -30.52 37.77
N LEU C 86 -1.91 -30.00 38.29
CA LEU C 86 -1.92 -29.24 39.54
C LEU C 86 -1.68 -30.13 40.76
N GLY C 87 -2.08 -31.39 40.66
CA GLY C 87 -1.79 -32.34 41.72
C GLY C 87 -0.36 -32.88 41.65
N SER C 88 0.34 -32.62 40.55
CA SER C 88 1.65 -33.25 40.27
C SER C 88 2.83 -32.53 40.90
N ASP C 89 4.01 -33.14 40.73
CA ASP C 89 5.26 -32.72 41.36
C ASP C 89 5.55 -31.22 41.15
N ILE C 90 5.22 -30.72 39.96
CA ILE C 90 5.41 -29.30 39.61
C ILE C 90 4.85 -28.34 40.65
N PHE C 91 3.69 -28.67 41.22
CA PHE C 91 3.00 -27.77 42.16
C PHE C 91 3.17 -28.10 43.64
N THR C 92 3.65 -29.31 43.95
CA THR C 92 3.85 -29.75 45.35
C THR C 92 5.34 -30.00 45.71
N GLY C 93 6.25 -29.26 45.09
CA GLY C 93 7.69 -29.48 45.24
C GLY C 93 8.45 -28.23 45.68
N GLU C 94 8.91 -27.44 44.71
CA GLU C 94 9.49 -26.14 44.98
C GLU C 94 8.48 -25.22 45.72
N PRO C 95 8.90 -24.00 46.12
CA PRO C 95 8.07 -23.04 46.86
C PRO C 95 6.56 -23.16 46.60
N SER C 101 -2.25 -19.51 48.50
CA SER C 101 -2.20 -19.81 47.07
C SER C 101 -3.57 -20.22 46.53
N PRO C 102 -3.92 -19.76 45.32
CA PRO C 102 -5.17 -20.18 44.68
C PRO C 102 -5.10 -21.58 44.03
N VAL C 103 -3.91 -22.19 44.02
CA VAL C 103 -3.72 -23.52 43.42
C VAL C 103 -4.53 -24.65 44.10
N GLY C 104 -4.62 -24.61 45.43
CA GLY C 104 -5.41 -25.60 46.18
C GLY C 104 -6.88 -25.58 45.80
N GLN C 105 -7.45 -24.38 45.74
CA GLN C 105 -8.86 -24.18 45.42
C GLN C 105 -9.15 -24.39 43.94
N LEU C 106 -8.14 -24.11 43.10
CA LEU C 106 -8.21 -24.29 41.65
C LEU C 106 -8.29 -25.78 41.28
N HIS C 107 -7.38 -26.57 41.86
CA HIS C 107 -7.33 -28.02 41.73
C HIS C 107 -8.67 -28.65 42.09
N ALA C 108 -9.19 -28.27 43.27
CA ALA C 108 -10.46 -28.75 43.79
C ALA C 108 -11.64 -28.36 42.91
N SER C 109 -11.58 -27.16 42.33
CA SER C 109 -12.67 -26.70 41.45
C SER C 109 -12.59 -27.31 40.09
N LEU C 110 -11.38 -27.64 39.66
CA LEU C 110 -11.20 -28.36 38.40
C LEU C 110 -11.90 -29.74 38.47
N LEU C 111 -11.68 -30.39 39.61
CA LEU C 111 -12.34 -31.64 39.95
C LEU C 111 -13.86 -31.54 40.09
N GLY C 112 -14.33 -30.50 40.77
CA GLY C 112 -15.74 -30.29 40.93
C GLY C 112 -16.47 -30.23 39.61
N LEU C 113 -15.90 -29.48 38.67
CA LEU C 113 -16.49 -29.31 37.34
C LEU C 113 -16.45 -30.60 36.56
N SER C 114 -15.30 -31.27 36.55
CA SER C 114 -15.16 -32.51 35.80
C SER C 114 -16.15 -33.56 36.31
N GLN C 115 -16.35 -33.60 37.63
CA GLN C 115 -17.36 -34.48 38.24
C GLN C 115 -18.79 -34.20 37.73
N LEU C 116 -19.10 -32.93 37.52
CA LEU C 116 -20.40 -32.53 36.99
C LEU C 116 -20.62 -32.97 35.56
N LEU C 117 -19.53 -33.09 34.82
CA LEU C 117 -19.61 -33.44 33.41
C LEU C 117 -19.77 -34.94 33.15
N GLN C 118 -19.38 -35.75 34.14
CA GLN C 118 -19.34 -37.23 34.07
C GLN C 118 -20.71 -37.85 34.19
N PRO C 119 -21.31 -38.27 33.05
CA PRO C 119 -22.67 -38.79 33.09
C PRO C 119 -22.65 -40.21 33.67
N GLU C 120 -23.77 -40.63 34.25
CA GLU C 120 -23.86 -41.96 34.83
C GLU C 120 -23.80 -42.99 33.73
N GLY C 121 -22.94 -43.99 33.91
CA GLY C 121 -22.80 -45.05 32.93
C GLY C 121 -21.68 -44.85 31.92
N HIS C 122 -21.08 -43.65 31.90
CA HIS C 122 -20.20 -43.27 30.79
C HIS C 122 -18.69 -43.41 30.97
N HIS C 123 -18.20 -43.40 32.21
CA HIS C 123 -16.76 -43.66 32.50
C HIS C 123 -15.75 -42.82 31.69
N TRP C 124 -16.03 -41.53 31.61
CA TRP C 124 -15.18 -40.54 30.92
C TRP C 124 -13.78 -40.38 31.51
N GLU C 125 -13.60 -40.79 32.77
CA GLU C 125 -12.26 -40.87 33.36
C GLU C 125 -11.47 -42.01 32.68
N THR C 126 -10.16 -41.87 32.62
CA THR C 126 -9.32 -42.77 31.80
C THR C 126 -8.34 -43.58 32.66
N TRP C 138 13.92 -25.91 41.52
CA TRP C 138 13.86 -26.61 40.24
C TRP C 138 13.48 -25.64 39.11
N GLN C 139 12.98 -26.18 38.00
CA GLN C 139 12.50 -25.40 36.84
C GLN C 139 11.02 -25.04 37.02
N ARG C 140 10.48 -25.43 38.18
CA ARG C 140 9.05 -25.42 38.47
C ARG C 140 8.35 -24.07 38.32
N LEU C 141 8.95 -23.02 38.88
CA LEU C 141 8.37 -21.69 38.76
C LEU C 141 8.15 -21.25 37.30
N LEU C 142 8.90 -21.85 36.38
CA LEU C 142 8.69 -21.57 34.96
C LEU C 142 7.52 -22.41 34.41
N LEU C 143 7.55 -23.70 34.69
CA LEU C 143 6.46 -24.60 34.32
C LEU C 143 5.11 -24.15 34.88
N ARG C 144 5.10 -23.71 36.13
CA ARG C 144 3.88 -23.28 36.81
C ARG C 144 3.30 -22.01 36.24
N PHE C 145 4.16 -21.14 35.72
CA PHE C 145 3.72 -19.95 34.99
C PHE C 145 3.12 -20.37 33.64
N LYS C 146 3.82 -21.24 32.92
CA LYS C 146 3.35 -21.75 31.63
C LYS C 146 2.01 -22.50 31.73
N ILE C 147 1.88 -23.33 32.76
CA ILE C 147 0.66 -24.13 32.97
C ILE C 147 -0.54 -23.25 33.33
N LEU C 148 -0.36 -22.34 34.29
CA LEU C 148 -1.42 -21.41 34.68
C LEU C 148 -1.93 -20.47 33.57
N ARG C 149 -1.01 -19.93 32.75
CA ARG C 149 -1.35 -19.12 31.58
C ARG C 149 -2.23 -19.89 30.61
N SER C 150 -1.86 -21.13 30.36
CA SER C 150 -2.54 -22.00 29.44
C SER C 150 -3.90 -22.37 30.00
N LEU C 151 -3.97 -22.54 31.32
CA LEU C 151 -5.23 -22.84 32.01
C LEU C 151 -6.28 -21.71 31.92
N GLN C 152 -5.80 -20.47 32.04
CA GLN C 152 -6.63 -19.26 31.86
C GLN C 152 -7.37 -19.29 30.53
N ALA C 153 -6.63 -19.59 29.46
CA ALA C 153 -7.18 -19.72 28.11
C ALA C 153 -8.30 -20.75 28.02
N PHE C 154 -8.05 -21.93 28.55
CA PHE C 154 -8.97 -23.07 28.48
C PHE C 154 -10.23 -22.84 29.29
N VAL C 155 -10.04 -22.35 30.52
CA VAL C 155 -11.19 -22.13 31.37
C VAL C 155 -12.14 -21.01 30.84
N ALA C 156 -11.59 -20.05 30.11
CA ALA C 156 -12.38 -18.97 29.49
C ALA C 156 -13.27 -19.49 28.44
N VAL C 157 -12.75 -20.39 27.59
CA VAL C 157 -13.60 -21.09 26.61
C VAL C 157 -14.73 -21.90 27.28
N ALA C 158 -14.36 -22.72 28.26
CA ALA C 158 -15.32 -23.49 29.08
C ALA C 158 -16.41 -22.60 29.67
N ALA C 159 -16.00 -21.47 30.26
CA ALA C 159 -16.95 -20.51 30.82
C ALA C 159 -17.99 -19.98 29.83
N ARG C 160 -17.56 -19.67 28.61
CA ARG C 160 -18.42 -19.22 27.50
C ARG C 160 -19.40 -20.29 27.07
N VAL C 161 -18.90 -21.52 26.88
CA VAL C 161 -19.75 -22.71 26.65
C VAL C 161 -20.83 -22.83 27.72
N PHE C 162 -20.44 -22.90 28.98
CA PHE C 162 -21.47 -23.10 30.00
C PHE C 162 -22.46 -21.92 30.15
N ALA C 163 -22.00 -20.71 29.89
CA ALA C 163 -22.87 -19.55 30.00
C ALA C 163 -23.87 -19.55 28.85
N HIS C 164 -23.39 -19.83 27.64
CA HIS C 164 -24.25 -19.95 26.47
C HIS C 164 -25.26 -21.08 26.58
N GLY C 165 -24.81 -22.23 27.02
CA GLY C 165 -25.72 -23.36 27.24
C GLY C 165 -26.78 -23.06 28.28
N ALA C 166 -26.34 -22.57 29.45
CA ALA C 166 -27.25 -22.15 30.52
C ALA C 166 -28.31 -21.13 30.05
N ALA C 167 -27.97 -20.29 29.07
CA ALA C 167 -28.87 -19.21 28.67
C ALA C 167 -29.77 -19.53 27.48
N THR C 168 -29.34 -20.42 26.61
CA THR C 168 -30.04 -20.62 25.35
C THR C 168 -30.63 -22.02 25.20
N LEU C 169 -30.08 -22.96 25.94
CA LEU C 169 -30.59 -24.33 25.91
C LEU C 169 -31.71 -24.51 26.94
N SER C 170 -31.78 -23.60 27.91
CA SER C 170 -32.80 -23.67 28.96
C SER C 170 -33.79 -22.52 28.82
N LEU D 1 54.10 13.17 -38.60
CA LEU D 1 54.08 14.65 -38.52
C LEU D 1 53.93 15.26 -39.91
N ARG D 2 52.83 14.89 -40.57
CA ARG D 2 52.38 15.63 -41.74
C ARG D 2 50.90 15.97 -41.64
N ALA D 3 50.55 17.08 -42.28
CA ALA D 3 49.20 17.55 -42.36
C ALA D 3 48.81 17.47 -43.83
N VAL D 4 47.64 16.92 -44.10
CA VAL D 4 47.17 16.64 -45.44
C VAL D 4 45.65 16.91 -45.50
N PRO D 5 45.17 17.60 -46.55
CA PRO D 5 43.73 17.79 -46.83
C PRO D 5 42.92 16.47 -46.76
N GLY D 6 41.72 16.51 -46.16
CA GLY D 6 40.94 15.28 -45.86
C GLY D 6 39.55 15.19 -46.50
N GLY D 7 38.61 14.54 -45.81
CA GLY D 7 37.22 14.39 -46.31
C GLY D 7 36.11 14.87 -45.37
N SER D 8 35.26 15.76 -45.90
CA SER D 8 34.33 16.62 -45.11
C SER D 8 33.37 15.73 -44.31
N SER D 9 33.29 16.00 -42.99
CA SER D 9 32.50 15.17 -42.06
C SER D 9 30.96 15.25 -42.22
N PRO D 10 30.19 14.66 -41.27
CA PRO D 10 28.73 14.79 -41.06
C PRO D 10 28.08 16.20 -40.98
N ALA D 11 28.87 17.27 -40.91
CA ALA D 11 28.32 18.64 -40.98
C ALA D 11 27.38 18.97 -39.80
N TRP D 12 27.89 18.66 -38.60
CA TRP D 12 27.13 18.60 -37.37
C TRP D 12 26.43 19.90 -36.94
N THR D 13 27.18 21.00 -36.91
CA THR D 13 26.70 22.33 -36.50
C THR D 13 25.54 22.82 -37.36
N GLN D 14 25.66 22.66 -38.67
CA GLN D 14 24.60 23.01 -39.61
C GLN D 14 23.34 22.17 -39.38
N CYS D 15 23.52 20.87 -39.21
CA CYS D 15 22.43 19.94 -38.88
C CYS D 15 21.72 20.27 -37.56
N GLN D 16 22.48 20.67 -36.56
CA GLN D 16 21.88 21.02 -35.30
C GLN D 16 21.07 22.31 -35.37
N GLN D 17 21.60 23.33 -36.05
CA GLN D 17 20.88 24.60 -36.26
C GLN D 17 19.63 24.33 -37.07
N LEU D 18 19.76 23.48 -38.10
CA LEU D 18 18.65 23.19 -39.00
C LEU D 18 17.59 22.29 -38.36
N SER D 19 18.02 21.29 -37.59
CA SER D 19 17.09 20.45 -36.80
C SER D 19 16.37 21.26 -35.73
N GLN D 20 17.10 22.15 -35.06
CA GLN D 20 16.51 23.11 -34.13
C GLN D 20 15.39 23.95 -34.80
N LYS D 21 15.66 24.44 -36.02
CA LYS D 21 14.65 25.23 -36.76
C LYS D 21 13.39 24.42 -37.07
N LEU D 22 13.56 23.14 -37.43
CA LEU D 22 12.42 22.25 -37.68
C LEU D 22 11.56 22.02 -36.44
N CYS D 23 12.19 22.04 -35.27
CA CYS D 23 11.47 21.99 -33.98
C CYS D 23 10.56 23.23 -33.81
N THR D 24 11.16 24.41 -33.99
CA THR D 24 10.41 25.66 -33.93
C THR D 24 9.27 25.71 -34.95
N LEU D 25 9.56 25.31 -36.20
CA LEU D 25 8.54 25.31 -37.26
C LEU D 25 7.38 24.33 -37.00
N ALA D 26 7.69 23.12 -36.54
CA ALA D 26 6.66 22.09 -36.31
C ALA D 26 5.68 22.45 -35.19
N TRP D 27 6.17 23.18 -34.20
CA TRP D 27 5.34 23.65 -33.08
C TRP D 27 4.54 24.89 -33.43
N SER D 28 5.00 25.60 -34.46
CA SER D 28 4.40 26.87 -34.88
C SER D 28 3.20 26.69 -35.81
N ALA D 29 2.78 25.43 -36.02
CA ALA D 29 1.63 25.12 -36.87
C ALA D 29 0.30 25.47 -36.22
N ASN D 48 0.11 6.16 -37.55
CA ASN D 48 0.85 4.95 -37.21
C ASN D 48 1.32 4.19 -38.44
N ASP D 49 2.37 3.38 -38.25
CA ASP D 49 3.01 2.59 -39.32
C ASP D 49 3.98 3.52 -40.07
N VAL D 50 4.01 4.79 -39.64
CA VAL D 50 5.01 5.76 -40.05
C VAL D 50 6.31 5.47 -39.29
N PRO D 51 7.46 6.02 -39.75
CA PRO D 51 8.72 5.72 -39.11
C PRO D 51 8.99 6.53 -37.84
N HIS D 52 9.53 5.87 -36.82
CA HIS D 52 9.86 6.52 -35.56
C HIS D 52 11.31 6.26 -35.28
N ILE D 53 12.00 7.22 -34.66
CA ILE D 53 13.34 6.88 -34.20
C ILE D 53 13.18 5.94 -33.02
N GLN D 54 13.40 4.67 -33.28
CA GLN D 54 13.19 3.62 -32.30
C GLN D 54 14.42 3.40 -31.45
N CYS D 55 14.30 2.50 -30.47
CA CYS D 55 15.39 2.15 -29.56
C CYS D 55 16.45 1.30 -30.24
N GLY D 56 16.05 0.60 -31.29
CA GLY D 56 17.00 -0.14 -32.15
C GLY D 56 17.87 0.74 -33.03
N ASP D 57 17.45 2.00 -33.24
CA ASP D 57 18.12 2.89 -34.19
C ASP D 57 19.45 3.49 -33.74
N GLY D 58 19.88 3.19 -32.53
CA GLY D 58 21.17 3.69 -32.02
C GLY D 58 21.37 5.19 -31.97
N CYS D 59 20.29 5.94 -31.75
CA CYS D 59 20.35 7.41 -31.68
C CYS D 59 20.49 7.95 -30.25
N ASP D 60 20.75 7.05 -29.31
CA ASP D 60 20.97 7.42 -27.92
C ASP D 60 22.41 7.93 -27.77
N PRO D 61 22.68 8.76 -26.74
CA PRO D 61 24.02 9.30 -26.60
C PRO D 61 25.13 8.25 -26.68
N GLN D 62 24.92 7.09 -26.04
CA GLN D 62 25.86 5.98 -26.06
C GLN D 62 26.06 5.39 -27.46
N GLY D 63 24.98 4.99 -28.11
CA GLY D 63 25.04 4.49 -29.47
C GLY D 63 25.73 5.44 -30.44
N LEU D 64 25.67 6.75 -30.17
CA LEU D 64 26.21 7.77 -31.08
C LEU D 64 27.71 7.82 -31.17
N ARG D 65 28.39 7.81 -30.03
CA ARG D 65 29.85 7.72 -29.96
C ARG D 65 30.32 6.50 -30.75
N ASP D 66 29.78 5.34 -30.39
CA ASP D 66 30.18 4.07 -31.00
C ASP D 66 29.93 4.02 -32.51
N ASN D 67 28.76 4.44 -32.95
CA ASN D 67 28.47 4.55 -34.38
C ASN D 67 27.28 5.44 -34.74
N SER D 68 27.56 6.71 -34.98
CA SER D 68 26.55 7.69 -35.39
C SER D 68 26.02 7.45 -36.80
N GLN D 69 26.66 6.56 -37.55
CA GLN D 69 26.33 6.32 -38.94
C GLN D 69 24.94 5.71 -39.07
N PHE D 70 24.66 4.69 -38.25
CA PHE D 70 23.36 4.03 -38.27
C PHE D 70 22.22 4.95 -37.84
N CYS D 71 22.46 5.73 -36.79
CA CYS D 71 21.46 6.71 -36.38
C CYS D 71 21.15 7.69 -37.51
N LEU D 72 22.20 8.36 -38.01
CA LEU D 72 22.05 9.36 -39.06
C LEU D 72 21.34 8.83 -40.32
N GLN D 73 21.58 7.55 -40.64
CA GLN D 73 20.90 6.89 -41.74
C GLN D 73 19.39 6.79 -41.50
N ARG D 74 19.00 6.54 -40.24
CA ARG D 74 17.58 6.43 -39.87
C ARG D 74 16.88 7.79 -39.79
N ILE D 75 17.59 8.80 -39.29
CA ILE D 75 17.08 10.17 -39.38
C ILE D 75 16.85 10.54 -40.85
N HIS D 76 17.82 10.22 -41.72
CA HIS D 76 17.67 10.48 -43.16
C HIS D 76 16.40 9.84 -43.70
N GLN D 77 16.30 8.52 -43.58
CA GLN D 77 15.12 7.77 -43.98
C GLN D 77 13.80 8.39 -43.47
N GLY D 78 13.80 8.82 -42.22
CA GLY D 78 12.63 9.45 -41.60
C GLY D 78 12.31 10.84 -42.10
N LEU D 79 13.35 11.62 -42.42
CA LEU D 79 13.18 12.95 -43.00
C LEU D 79 12.55 12.85 -44.39
N ILE D 80 13.10 11.95 -45.21
CA ILE D 80 12.59 11.64 -46.56
C ILE D 80 11.10 11.32 -46.53
N PHE D 81 10.70 10.46 -45.59
CA PHE D 81 9.29 10.11 -45.38
C PHE D 81 8.36 11.32 -45.14
N TYR D 82 8.79 12.25 -44.29
CA TYR D 82 7.98 13.41 -43.98
C TYR D 82 7.96 14.46 -45.07
N GLU D 83 9.08 14.66 -45.77
CA GLU D 83 9.13 15.66 -46.82
C GLU D 83 8.18 15.25 -47.94
N LYS D 84 7.93 13.94 -48.01
CA LYS D 84 7.07 13.33 -49.00
C LYS D 84 5.61 13.50 -48.59
N LEU D 85 5.32 13.25 -47.32
CA LEU D 85 4.02 13.51 -46.74
C LEU D 85 3.62 14.96 -46.90
N LEU D 86 4.53 15.87 -46.57
CA LEU D 86 4.23 17.30 -46.58
C LEU D 86 4.05 17.87 -47.99
N GLY D 87 4.64 17.19 -48.96
CA GLY D 87 4.50 17.56 -50.35
C GLY D 87 3.38 16.80 -51.02
N SER D 88 2.77 15.87 -50.30
CA SER D 88 1.73 15.01 -50.87
C SER D 88 0.33 15.62 -50.83
N ASP D 89 -0.64 14.79 -51.19
CA ASP D 89 -2.06 15.14 -51.33
C ASP D 89 -2.68 15.86 -50.12
N ILE D 90 -2.31 15.40 -48.92
CA ILE D 90 -2.83 15.88 -47.64
C ILE D 90 -2.61 17.38 -47.40
N PHE D 91 -1.49 17.90 -47.92
CA PHE D 91 -1.08 19.27 -47.64
C PHE D 91 -1.22 20.19 -48.85
N THR D 92 -1.47 19.60 -50.02
CA THR D 92 -1.66 20.37 -51.27
C THR D 92 -3.13 20.45 -51.69
N LEU D 98 -5.01 26.74 -45.85
CA LEU D 98 -3.83 27.00 -45.04
C LEU D 98 -3.20 28.37 -45.32
N PRO D 99 -3.39 29.36 -44.39
CA PRO D 99 -2.95 30.76 -44.56
C PRO D 99 -1.48 31.17 -44.56
N ASP D 100 -0.81 30.99 -43.41
CA ASP D 100 0.65 31.18 -43.35
C ASP D 100 1.14 30.05 -42.43
N SER D 101 0.82 28.82 -42.83
CA SER D 101 1.31 27.65 -42.14
C SER D 101 2.81 27.53 -42.37
N PRO D 102 3.55 26.99 -41.38
CA PRO D 102 4.98 26.79 -41.58
C PRO D 102 5.29 25.62 -42.52
N VAL D 103 4.27 24.93 -43.02
CA VAL D 103 4.46 23.67 -43.77
C VAL D 103 5.30 23.78 -45.05
N GLY D 104 5.36 24.98 -45.64
CA GLY D 104 6.17 25.20 -46.83
C GLY D 104 7.64 25.26 -46.47
N GLN D 105 7.93 26.00 -45.41
CA GLN D 105 9.28 26.14 -44.87
C GLN D 105 9.72 24.81 -44.26
N LEU D 106 8.76 24.07 -43.71
CA LEU D 106 8.98 22.74 -43.14
C LEU D 106 9.34 21.69 -44.21
N HIS D 107 8.61 21.70 -45.31
CA HIS D 107 8.96 20.85 -46.45
C HIS D 107 10.37 21.12 -46.97
N ALA D 108 10.69 22.41 -47.15
CA ALA D 108 11.99 22.83 -47.65
C ALA D 108 13.10 22.46 -46.69
N SER D 109 12.87 22.69 -45.40
CA SER D 109 13.87 22.40 -44.37
C SER D 109 14.12 20.90 -44.19
N LEU D 110 13.06 20.10 -44.31
CA LEU D 110 13.16 18.65 -44.28
C LEU D 110 14.11 18.17 -45.38
N LEU D 111 13.88 18.68 -46.59
CA LEU D 111 14.75 18.39 -47.74
C LEU D 111 16.18 18.86 -47.51
N GLY D 112 16.34 20.08 -47.00
CA GLY D 112 17.64 20.63 -46.67
C GLY D 112 18.46 19.72 -45.76
N LEU D 113 17.86 19.31 -44.64
CA LEU D 113 18.52 18.43 -43.68
C LEU D 113 18.87 17.07 -44.29
N SER D 114 17.95 16.47 -45.04
CA SER D 114 18.26 15.22 -45.73
C SER D 114 19.49 15.37 -46.64
N GLN D 115 19.62 16.53 -47.28
CA GLN D 115 20.73 16.85 -48.19
C GLN D 115 22.06 17.02 -47.50
N LEU D 116 22.05 17.66 -46.33
CA LEU D 116 23.28 17.78 -45.53
C LEU D 116 23.79 16.41 -45.04
N LEU D 117 22.86 15.49 -44.80
CA LEU D 117 23.22 14.15 -44.33
C LEU D 117 23.74 13.29 -45.49
N GLN D 118 22.95 13.25 -46.56
CA GLN D 118 23.30 12.49 -47.74
C GLN D 118 23.15 13.37 -48.99
N PRO D 119 24.22 14.13 -49.34
CA PRO D 119 24.22 14.95 -50.56
C PRO D 119 24.06 14.13 -51.86
N GLU D 120 24.43 12.86 -51.83
CA GLU D 120 24.31 11.96 -52.96
C GLU D 120 23.05 11.08 -52.88
N GLY D 121 22.28 11.25 -51.82
CA GLY D 121 21.12 10.40 -51.52
C GLY D 121 20.02 10.41 -52.57
N HIS D 122 19.78 11.58 -53.14
CA HIS D 122 18.82 11.77 -54.23
C HIS D 122 19.00 10.80 -55.42
N HIS D 123 20.21 10.30 -55.64
CA HIS D 123 20.46 9.43 -56.79
C HIS D 123 19.65 8.14 -56.78
N TRP D 138 -9.42 17.10 -49.76
CA TRP D 138 -9.71 17.57 -48.40
C TRP D 138 -10.83 16.72 -47.76
N GLN D 139 -10.95 15.47 -48.18
CA GLN D 139 -12.00 14.56 -47.67
C GLN D 139 -11.84 14.15 -46.20
N ARG D 140 -10.77 13.39 -45.93
CA ARG D 140 -10.33 13.07 -44.57
C ARG D 140 -8.91 13.63 -44.43
N LEU D 141 -8.69 14.82 -44.99
CA LEU D 141 -7.37 15.45 -45.00
C LEU D 141 -7.23 16.50 -43.88
N LEU D 142 -7.51 16.06 -42.65
CA LEU D 142 -7.14 16.80 -41.45
C LEU D 142 -6.41 15.86 -40.49
N LEU D 143 -5.70 14.89 -41.07
CA LEU D 143 -4.72 14.08 -40.36
C LEU D 143 -3.37 14.78 -40.51
N ARG D 144 -3.39 15.95 -41.12
CA ARG D 144 -2.23 16.82 -41.18
C ARG D 144 -1.82 17.22 -39.76
N PHE D 145 -2.82 17.37 -38.89
CA PHE D 145 -2.61 17.55 -37.45
C PHE D 145 -1.91 16.34 -36.81
N LYS D 146 -2.36 15.14 -37.17
CA LYS D 146 -1.73 13.89 -36.72
C LYS D 146 -0.30 13.80 -37.21
N ILE D 147 -0.08 14.19 -38.47
CA ILE D 147 1.23 14.11 -39.13
C ILE D 147 2.21 15.09 -38.49
N LEU D 148 1.73 16.29 -38.22
CA LEU D 148 2.52 17.34 -37.59
C LEU D 148 2.88 17.03 -36.14
N ARG D 149 1.97 16.31 -35.48
CA ARG D 149 2.11 15.84 -34.11
C ARG D 149 3.25 14.83 -33.95
N SER D 150 3.31 13.82 -34.82
CA SER D 150 4.40 12.84 -34.72
C SER D 150 5.70 13.43 -35.26
N LEU D 151 5.59 14.32 -36.26
CA LEU D 151 6.73 15.09 -36.76
C LEU D 151 7.49 15.86 -35.66
N GLN D 152 6.74 16.51 -34.77
CA GLN D 152 7.29 17.19 -33.59
C GLN D 152 8.14 16.27 -32.72
N ALA D 153 7.73 15.03 -32.61
CA ALA D 153 8.41 14.05 -31.81
C ALA D 153 9.68 13.57 -32.52
N PHE D 154 9.54 13.27 -33.81
CA PHE D 154 10.66 12.82 -34.66
C PHE D 154 11.78 13.84 -34.66
N VAL D 155 11.39 15.08 -34.88
CA VAL D 155 12.34 16.18 -35.02
C VAL D 155 13.00 16.57 -33.69
N ALA D 156 12.29 16.37 -32.57
CA ALA D 156 12.89 16.62 -31.26
C ALA D 156 14.06 15.66 -31.01
N VAL D 157 13.88 14.39 -31.38
CA VAL D 157 14.94 13.36 -31.28
C VAL D 157 16.11 13.63 -32.23
N ALA D 158 15.80 13.94 -33.49
CA ALA D 158 16.80 14.44 -34.44
C ALA D 158 17.64 15.59 -33.87
N ALA D 159 16.97 16.61 -33.31
CA ALA D 159 17.68 17.78 -32.77
C ALA D 159 18.64 17.46 -31.62
N ARG D 160 18.22 16.58 -30.71
CA ARG D 160 19.09 16.08 -29.64
C ARG D 160 20.30 15.36 -30.19
N VAL D 161 20.05 14.55 -31.23
CA VAL D 161 21.10 13.78 -31.88
C VAL D 161 22.17 14.71 -32.44
N PHE D 162 21.76 15.74 -33.17
CA PHE D 162 22.72 16.65 -33.81
C PHE D 162 23.33 17.63 -32.84
N ALA D 163 22.62 17.93 -31.76
CA ALA D 163 23.17 18.78 -30.72
C ALA D 163 24.31 18.03 -30.04
N HIS D 164 24.06 16.79 -29.69
CA HIS D 164 25.04 15.97 -29.02
C HIS D 164 26.25 15.68 -29.90
N GLY D 165 25.99 15.29 -31.15
CA GLY D 165 27.04 15.14 -32.12
C GLY D 165 27.86 16.39 -32.32
N ALA D 166 27.20 17.54 -32.48
CA ALA D 166 27.95 18.80 -32.63
C ALA D 166 28.86 19.05 -31.46
N ALA D 167 28.41 18.68 -30.26
CA ALA D 167 29.11 19.01 -29.01
C ALA D 167 30.16 18.00 -28.55
N THR D 168 30.11 16.79 -29.07
CA THR D 168 30.99 15.73 -28.56
C THR D 168 31.65 14.91 -29.67
N LEU D 169 31.06 14.94 -30.87
CA LEU D 169 31.54 14.14 -32.00
C LEU D 169 32.08 14.95 -33.18
N SER D 170 32.12 16.28 -33.05
CA SER D 170 32.50 17.11 -34.18
C SER D 170 34.03 17.18 -34.37
N PRO D 171 34.51 17.18 -35.62
CA PRO D 171 35.94 17.42 -35.85
C PRO D 171 36.41 18.87 -35.57
N HIS D 172 35.47 19.80 -35.40
CA HIS D 172 35.77 21.19 -35.00
C HIS D 172 36.27 21.24 -33.57
N HIS D 173 37.11 22.22 -33.22
CA HIS D 173 37.71 22.27 -31.87
C HIS D 173 37.90 23.68 -31.26
N HIS D 174 36.92 24.55 -31.46
CA HIS D 174 36.93 25.90 -30.89
C HIS D 174 37.07 25.90 -29.37
C1 NAG E . 14.45 -9.73 8.04
C2 NAG E . 14.10 -10.98 7.23
C3 NAG E . 14.87 -12.19 7.73
C4 NAG E . 16.37 -11.87 7.73
C5 NAG E . 16.71 -10.57 8.47
C6 NAG E . 18.16 -10.17 8.14
C7 NAG E . 11.75 -11.24 6.37
C8 NAG E . 10.41 -11.77 6.80
N2 NAG E . 12.67 -11.25 7.35
O3 NAG E . 14.63 -13.28 6.86
O4 NAG E . 17.12 -12.95 8.30
O5 NAG E . 15.85 -9.49 8.12
O6 NAG E . 18.24 -9.40 6.96
O7 NAG E . 11.94 -10.84 5.22
C1 NAG F . -13.05 -1.23 -14.94
C2 NAG F . -12.15 -2.44 -15.20
C3 NAG F . -12.63 -3.19 -16.44
C4 NAG F . -14.13 -3.54 -16.29
C5 NAG F . -15.00 -2.35 -15.81
C6 NAG F . -15.69 -2.63 -14.47
C7 NAG F . -9.67 -2.74 -15.06
C8 NAG F . -8.72 -2.94 -16.20
N2 NAG F . -10.77 -2.00 -15.29
O3 NAG F . -11.88 -4.37 -16.58
O4 NAG F . -14.64 -4.02 -17.51
O5 NAG F . -14.24 -1.17 -15.71
O6 NAG F . -17.07 -2.76 -14.61
O7 NAG F . -9.41 -3.24 -13.96
#